data_2OYE
#
_entry.id   2OYE
#
_cell.length_a   181.720
_cell.length_b   181.720
_cell.length_c   104.090
_cell.angle_alpha   90.00
_cell.angle_beta   90.00
_cell.angle_gamma   120.00
#
_symmetry.space_group_name_H-M   'P 65 2 2'
#
loop_
_entity.id
_entity.type
_entity.pdbx_description
1 polymer 'Prostaglandin G/H synthase 1'
2 branched 2-acetamido-2-deoxy-alpha-D-glucopyranose-(1-4)-2-acetamido-2-deoxy-beta-D-glucopyranose
3 branched beta-D-mannopyranose-(1-6)-beta-D-mannopyranose-(1-4)-2-acetamido-2-deoxy-beta-D-glucopyranose-(1-4)-2-acetamido-2-deoxy-beta-D-glucopyranose
4 branched 2-acetamido-2-deoxy-beta-D-glucopyranose-(1-4)-2-acetamido-2-deoxy-beta-D-glucopyranose
5 non-polymer 'octyl beta-D-glucopyranoside'
6 non-polymer 'CITRATE ANION'
7 non-polymer 'PROTOPORPHYRIN IX CONTAINING FE'
8 non-polymer 2-[1-(4-CHLOROBENZOYL)-5-METHOXY-2-METHYL-1H-INDOL-3-YL]-N-[(1R)-1-(HYDROXYMETHYL)PROPYL]ACETAMIDE
9 water water
#
_entity_poly.entity_id   1
_entity_poly.type   'polypeptide(L)'
_entity_poly.pdbx_seq_one_letter_code
;MSRQSISLRFPLLLLLLSPSPVFSADPGAPAPVNPCCYYPCQHQGICVRFGLDRYQCDCTRTGYSGPNCTIPEIWTWLRT
TLRPSPSFIHFLLTHGRWLWDFVNATFIRDTLMRLVLTVRSNLIPSPPTYNIAHDYISWESFSNVSYYTRILPSVPRDCP
TPMGTKGKKQLPDAEFLSRRFLLRRKFIPDPQGTNLMFAFFAQHFTHQFFKTSGKMGPGFTKALGHGVDLGHIYGDNLER
QYQLRLFKDGKLKYQMLNGEVYPPSVEEAPVLMHYPRGIPPQSQMAVGQEVFGLLPGLMLYATIWLREHNRVCDLLKAEH
PTWGDEQLFQTARLILIGETIKIVIEEYVQQLSGYFLQLKFDPELLFGAQFQYRNRIAMEFNQLYHWHPLMPDSFRVGPQ
DYSYEQFLFNTSMLVDYGVEALVDAFSRQPAGRIGGGRNIDHHILHVAVDVIKESRVLRLQPFNEYRKRFGMKPYTSFQE
LTGEKEMAAELEELYGDIDALEFYPGLLLEKCHPNSIFGESMIEMGAPFSLKGLLGNPICSPEYWKASTFGGEVGFNLVK
TATLKKLVCLNTKTCPYVSFHVPDPRQEDRPGVERPPTEL
;
_entity_poly.pdbx_strand_id   P
#
loop_
_chem_comp.id
_chem_comp.type
_chem_comp.name
_chem_comp.formula
BMA D-saccharide, beta linking beta-D-mannopyranose 'C6 H12 O6'
BOG D-saccharide 'octyl beta-D-glucopyranoside' 'C14 H28 O6'
FLC non-polymer 'CITRATE ANION' 'C6 H5 O7 -3'
HEM non-polymer 'PROTOPORPHYRIN IX CONTAINING FE' 'C34 H32 Fe N4 O4'
IM8 non-polymer 2-[1-(4-CHLOROBENZOYL)-5-METHOXY-2-METHYL-1H-INDOL-3-YL]-N-[(1R)-1-(HYDROXYMETHYL)PROPYL]ACETAMIDE 'C23 H25 Cl N2 O4'
NAG D-saccharide, beta linking 2-acetamido-2-deoxy-beta-D-glucopyranose 'C8 H15 N O6'
NDG D-saccharide, alpha linking 2-acetamido-2-deoxy-alpha-D-glucopyranose 'C8 H15 N O6'
#
# COMPACT_ATOMS: atom_id res chain seq x y z
N PRO A 32 -17.00 33.46 14.35
CA PRO A 32 -15.57 33.83 14.05
C PRO A 32 -14.91 32.69 13.29
N VAL A 33 -14.97 32.71 11.95
CA VAL A 33 -14.36 31.65 11.15
C VAL A 33 -13.01 31.15 11.69
N ASN A 34 -12.96 29.87 12.07
CA ASN A 34 -11.73 29.28 12.58
C ASN A 34 -10.66 29.66 11.55
N PRO A 35 -9.79 30.62 11.89
CA PRO A 35 -8.77 31.02 10.93
C PRO A 35 -8.00 29.87 10.27
N CYS A 36 -7.87 28.74 10.94
CA CYS A 36 -7.15 27.63 10.31
C CYS A 36 -7.99 26.96 9.23
N CYS A 37 -9.08 27.60 8.83
CA CYS A 37 -9.95 27.03 7.80
C CYS A 37 -9.44 27.38 6.42
N TYR A 38 -8.58 28.39 6.37
CA TYR A 38 -8.02 28.85 5.11
C TYR A 38 -6.74 28.08 4.78
N TYR A 39 -6.14 27.49 5.79
CA TYR A 39 -4.90 26.75 5.61
C TYR A 39 -3.84 27.81 5.29
N PRO A 40 -3.65 28.77 6.20
CA PRO A 40 -2.68 29.84 6.04
C PRO A 40 -1.22 29.38 6.13
N CYS A 41 -0.95 28.35 6.92
CA CYS A 41 0.43 27.88 7.05
C CYS A 41 0.89 27.03 5.88
N GLN A 42 2.08 27.37 5.39
CA GLN A 42 2.70 26.69 4.27
C GLN A 42 3.88 25.82 4.65
N HIS A 43 4.32 25.00 3.70
CA HIS A 43 5.48 24.14 3.87
C HIS A 43 5.57 23.31 5.13
N GLN A 44 4.41 22.95 5.66
CA GLN A 44 4.31 22.14 6.87
C GLN A 44 4.37 22.92 8.16
N GLY A 45 4.04 24.20 8.09
CA GLY A 45 4.01 25.02 9.28
C GLY A 45 2.74 24.69 10.03
N ILE A 46 2.80 24.62 11.35
CA ILE A 46 1.62 24.29 12.16
C ILE A 46 0.72 25.48 12.54
N CYS A 47 -0.54 25.40 12.14
CA CYS A 47 -1.52 26.45 12.45
C CYS A 47 -2.04 26.25 13.87
N VAL A 48 -2.08 27.32 14.65
CA VAL A 48 -2.52 27.26 16.03
C VAL A 48 -3.27 28.52 16.44
N ARG A 49 -4.53 28.36 16.83
CA ARG A 49 -5.37 29.48 17.24
C ARG A 49 -4.90 30.06 18.54
N PHE A 50 -4.92 31.38 18.60
CA PHE A 50 -4.54 32.11 19.80
C PHE A 50 -5.67 33.08 20.03
N GLY A 51 -6.10 33.24 21.28
CA GLY A 51 -7.20 34.13 21.54
C GLY A 51 -8.46 33.51 20.98
N LEU A 52 -9.32 34.33 20.38
CA LEU A 52 -10.57 33.83 19.83
C LEU A 52 -10.54 33.83 18.31
N ASP A 53 -9.94 34.86 17.73
CA ASP A 53 -9.91 35.00 16.29
C ASP A 53 -8.54 35.11 15.64
N ARG A 54 -7.48 34.85 16.42
CA ARG A 54 -6.13 34.95 15.88
C ARG A 54 -5.52 33.56 15.68
N TYR A 55 -4.32 33.54 15.11
CA TYR A 55 -3.57 32.31 14.86
C TYR A 55 -2.08 32.61 14.61
N GLN A 56 -1.24 31.58 14.70
CA GLN A 56 0.20 31.68 14.47
C GLN A 56 0.72 30.38 13.82
N CYS A 57 1.73 30.50 12.96
CA CYS A 57 2.29 29.31 12.33
C CYS A 57 3.60 28.94 13.01
N ASP A 58 3.81 27.65 13.23
CA ASP A 58 5.05 27.17 13.84
C ASP A 58 5.86 26.71 12.64
N CYS A 59 6.72 27.60 12.15
CA CYS A 59 7.50 27.28 11.00
C CYS A 59 8.81 26.66 11.39
N THR A 60 8.88 26.17 12.63
CA THR A 60 10.08 25.53 13.11
C THR A 60 10.49 24.47 12.09
N ARG A 61 11.79 24.40 11.80
CA ARG A 61 12.36 23.43 10.85
C ARG A 61 11.57 23.20 9.58
N THR A 62 10.90 24.24 9.08
CA THR A 62 10.16 24.11 7.85
C THR A 62 11.03 24.66 6.75
N GLY A 63 12.13 25.29 7.15
CA GLY A 63 13.04 25.86 6.17
C GLY A 63 12.52 27.17 5.66
N TYR A 64 11.47 27.67 6.30
CA TYR A 64 10.88 28.96 5.93
C TYR A 64 10.58 29.73 7.21
N SER A 65 10.43 31.03 7.09
CA SER A 65 10.12 31.84 8.26
C SER A 65 9.05 32.84 7.86
N GLY A 66 8.60 33.64 8.83
CA GLY A 66 7.56 34.62 8.55
C GLY A 66 6.19 34.18 9.06
N PRO A 67 5.18 35.04 8.93
CA PRO A 67 3.81 34.78 9.37
C PRO A 67 3.24 33.42 8.98
N ASN A 68 3.31 33.05 7.71
CA ASN A 68 2.75 31.76 7.29
C ASN A 68 3.76 30.77 6.70
N CYS A 69 5.05 31.04 6.88
CA CYS A 69 6.15 30.20 6.35
C CYS A 69 6.22 30.27 4.83
N THR A 70 6.51 31.46 4.32
CA THR A 70 6.61 31.66 2.90
C THR A 70 7.93 32.35 2.52
N ILE A 71 8.66 32.78 3.53
CA ILE A 71 9.95 33.44 3.32
C ILE A 71 11.02 32.39 3.50
N PRO A 72 11.49 31.79 2.38
CA PRO A 72 12.52 30.74 2.34
C PRO A 72 13.85 31.14 2.97
N GLU A 73 14.43 30.23 3.73
CA GLU A 73 15.73 30.47 4.35
C GLU A 73 16.68 30.46 3.16
N ILE A 74 17.96 30.72 3.42
CA ILE A 74 18.92 30.77 2.33
C ILE A 74 18.98 29.50 1.45
N TRP A 75 19.20 28.34 2.07
CA TRP A 75 19.30 27.08 1.33
C TRP A 75 18.01 26.61 0.66
N THR A 76 16.88 26.84 1.33
CA THR A 76 15.60 26.45 0.80
C THR A 76 15.46 27.15 -0.54
N TRP A 77 15.77 28.44 -0.54
CA TRP A 77 15.70 29.23 -1.75
C TRP A 77 16.54 28.53 -2.84
N LEU A 78 17.77 28.15 -2.51
CA LEU A 78 18.62 27.44 -3.47
C LEU A 78 17.96 26.11 -3.81
N ARG A 79 17.66 25.34 -2.77
CA ARG A 79 17.03 24.04 -2.93
C ARG A 79 15.83 24.17 -3.84
N THR A 80 15.11 25.27 -3.71
CA THR A 80 13.91 25.52 -4.50
C THR A 80 14.22 25.82 -5.98
N THR A 81 15.21 26.67 -6.21
CA THR A 81 15.58 27.03 -7.57
C THR A 81 16.34 25.91 -8.28
N LEU A 82 17.22 25.21 -7.57
CA LEU A 82 17.98 24.11 -8.18
C LEU A 82 17.26 22.77 -8.11
N ARG A 83 15.94 22.83 -7.91
CA ARG A 83 15.13 21.63 -7.82
C ARG A 83 14.27 21.46 -9.05
N PRO A 84 14.44 20.34 -9.76
CA PRO A 84 13.68 20.04 -10.98
C PRO A 84 12.26 19.56 -10.62
N SER A 85 11.36 19.61 -11.60
CA SER A 85 9.98 19.17 -11.39
C SER A 85 9.90 17.65 -11.25
N PRO A 86 8.87 17.16 -10.55
CA PRO A 86 8.73 15.71 -10.38
C PRO A 86 8.61 15.04 -11.74
N SER A 87 7.81 15.64 -12.62
CA SER A 87 7.59 15.13 -13.98
C SER A 87 8.87 15.02 -14.81
N PHE A 88 9.79 15.95 -14.58
CA PHE A 88 11.07 15.92 -15.29
C PHE A 88 11.82 14.66 -14.86
N ILE A 89 12.03 14.51 -13.56
CA ILE A 89 12.70 13.36 -12.99
C ILE A 89 12.07 12.05 -13.52
N HIS A 90 10.74 11.98 -13.49
CA HIS A 90 10.06 10.78 -13.98
C HIS A 90 10.57 10.47 -15.37
N PHE A 91 10.76 11.51 -16.17
CA PHE A 91 11.25 11.33 -17.53
C PHE A 91 12.68 10.80 -17.59
N LEU A 92 13.54 11.27 -16.71
CA LEU A 92 14.91 10.81 -16.70
C LEU A 92 14.91 9.33 -16.34
N LEU A 93 14.06 8.98 -15.37
CA LEU A 93 13.96 7.60 -14.89
C LEU A 93 13.30 6.62 -15.84
N THR A 94 12.54 7.14 -16.78
CA THR A 94 11.84 6.26 -17.70
C THR A 94 12.37 6.34 -19.13
N HIS A 95 13.62 6.81 -19.30
CA HIS A 95 14.16 6.96 -20.65
C HIS A 95 15.58 6.51 -21.03
N GLY A 96 16.55 6.75 -20.16
CA GLY A 96 17.93 6.39 -20.49
C GLY A 96 18.33 4.95 -20.80
N ARG A 97 17.59 4.29 -21.70
CA ARG A 97 17.88 2.92 -22.08
C ARG A 97 19.35 2.56 -21.84
N TRP A 98 20.25 3.37 -22.39
CA TRP A 98 21.68 3.13 -22.24
C TRP A 98 22.27 3.65 -20.93
N LEU A 99 22.06 4.94 -20.68
CA LEU A 99 22.53 5.60 -19.48
C LEU A 99 22.27 4.79 -18.21
N TRP A 100 21.19 4.03 -18.23
CA TRP A 100 20.80 3.26 -17.06
C TRP A 100 21.45 1.90 -16.88
N ASP A 101 21.84 1.27 -17.99
CA ASP A 101 22.51 -0.03 -17.93
C ASP A 101 23.88 0.23 -17.32
N PHE A 102 24.38 1.43 -17.60
CA PHE A 102 25.67 1.89 -17.06
C PHE A 102 25.52 2.13 -15.58
N VAL A 103 24.64 3.07 -15.21
CA VAL A 103 24.40 3.41 -13.82
C VAL A 103 24.04 2.16 -13.01
N ASN A 104 23.17 1.31 -13.56
CA ASN A 104 22.77 0.07 -12.88
C ASN A 104 24.01 -0.79 -12.62
N ALA A 105 24.92 -0.76 -13.58
CA ALA A 105 26.16 -1.51 -13.52
C ALA A 105 27.23 -0.86 -12.65
N THR A 106 26.98 0.37 -12.16
CA THR A 106 27.95 1.05 -11.32
C THR A 106 27.42 1.23 -9.90
N PHE A 107 28.20 1.95 -9.11
CA PHE A 107 27.87 2.25 -7.72
C PHE A 107 26.79 3.34 -7.66
N ILE A 108 26.68 4.11 -8.75
CA ILE A 108 25.70 5.17 -8.82
C ILE A 108 24.33 4.59 -8.45
N ARG A 109 24.14 3.32 -8.79
CA ARG A 109 22.90 2.64 -8.50
C ARG A 109 22.55 2.82 -7.03
N ASP A 110 23.54 2.57 -6.17
CA ASP A 110 23.37 2.70 -4.72
C ASP A 110 23.15 4.13 -4.29
N THR A 111 23.98 5.03 -4.81
CA THR A 111 23.87 6.43 -4.47
C THR A 111 22.46 6.92 -4.74
N LEU A 112 21.91 6.54 -5.89
CA LEU A 112 20.57 6.93 -6.27
C LEU A 112 19.54 6.28 -5.34
N MET A 113 19.65 4.98 -5.12
CA MET A 113 18.72 4.30 -4.23
C MET A 113 18.76 5.06 -2.89
N ARG A 114 19.91 5.05 -2.22
CA ARG A 114 20.07 5.73 -0.94
C ARG A 114 19.52 7.15 -0.94
N LEU A 115 19.56 7.80 -2.09
CA LEU A 115 19.06 9.15 -2.20
C LEU A 115 17.55 9.02 -2.34
N VAL A 116 17.13 8.10 -3.21
CA VAL A 116 15.71 7.83 -3.46
C VAL A 116 15.00 7.63 -2.13
N LEU A 117 15.62 6.84 -1.25
CA LEU A 117 15.08 6.59 0.08
C LEU A 117 14.99 7.89 0.87
N THR A 118 15.94 8.11 1.77
CA THR A 118 16.01 9.31 2.62
C THR A 118 15.09 10.49 2.26
N VAL A 119 15.18 10.99 1.02
CA VAL A 119 14.36 12.12 0.59
C VAL A 119 12.88 11.80 0.73
N ARG A 120 12.47 10.63 0.21
CA ARG A 120 11.09 10.14 0.29
C ARG A 120 10.59 10.16 1.72
N SER A 121 11.18 9.24 2.49
CA SER A 121 10.89 9.00 3.89
C SER A 121 10.91 10.23 4.77
N ASN A 122 11.65 11.24 4.34
CA ASN A 122 11.74 12.46 5.12
C ASN A 122 10.40 13.21 5.16
N LEU A 123 9.54 12.92 4.19
CA LEU A 123 8.23 13.57 4.08
C LEU A 123 7.13 13.09 5.02
N ILE A 124 7.38 12.00 5.73
CA ILE A 124 6.41 11.45 6.67
C ILE A 124 6.90 11.74 8.07
N PRO A 125 6.02 12.26 8.94
CA PRO A 125 6.43 12.55 10.32
C PRO A 125 6.73 11.28 11.10
N SER A 126 7.67 11.35 12.03
CA SER A 126 8.04 10.18 12.82
C SER A 126 8.85 10.56 14.06
N PRO A 127 8.32 10.25 15.25
CA PRO A 127 7.05 9.57 15.56
C PRO A 127 5.85 10.19 14.85
N PRO A 128 4.73 9.45 14.74
CA PRO A 128 3.50 9.93 14.08
C PRO A 128 2.96 11.20 14.67
N THR A 129 1.99 11.81 14.01
CA THR A 129 1.43 13.07 14.51
C THR A 129 -0.05 13.14 14.90
N TYR A 130 -0.96 13.04 13.95
CA TYR A 130 -2.37 13.15 14.29
C TYR A 130 -3.19 11.89 14.01
N ASN A 131 -4.44 11.90 14.47
CA ASN A 131 -5.41 10.81 14.26
C ASN A 131 -6.81 11.42 14.10
N ILE A 132 -7.84 10.58 14.00
CA ILE A 132 -9.20 11.12 13.84
C ILE A 132 -9.71 11.86 15.08
N ALA A 133 -9.01 11.66 16.19
CA ALA A 133 -9.35 12.28 17.46
C ALA A 133 -8.67 13.62 17.73
N HIS A 134 -7.38 13.70 17.45
CA HIS A 134 -6.63 14.92 17.71
C HIS A 134 -5.94 15.53 16.48
N ASP A 135 -6.06 16.85 16.34
CA ASP A 135 -5.41 17.53 15.23
C ASP A 135 -4.21 18.30 15.76
N TYR A 136 -3.49 17.66 16.68
CA TYR A 136 -2.31 18.20 17.36
C TYR A 136 -1.54 17.07 18.03
N ILE A 137 -0.29 17.31 18.40
CA ILE A 137 0.51 16.25 19.03
C ILE A 137 0.00 15.92 20.43
N SER A 138 -0.20 14.63 20.67
CA SER A 138 -0.70 14.17 21.96
C SER A 138 -0.05 12.85 22.34
N TRP A 139 0.15 12.63 23.64
CA TRP A 139 0.74 11.38 24.09
C TRP A 139 -0.17 10.22 23.74
N GLU A 140 -1.46 10.49 23.61
CA GLU A 140 -2.43 9.44 23.28
C GLU A 140 -2.20 8.99 21.84
N SER A 141 -2.13 9.95 20.93
CA SER A 141 -1.89 9.64 19.52
C SER A 141 -0.59 8.88 19.32
N PHE A 142 0.40 9.17 20.15
CA PHE A 142 1.65 8.46 20.05
C PHE A 142 1.51 7.03 20.57
N SER A 143 0.84 6.84 21.70
CA SER A 143 0.71 5.50 22.28
C SER A 143 -0.42 4.56 21.85
N ASN A 144 -1.58 5.10 21.46
CA ASN A 144 -2.71 4.26 21.08
C ASN A 144 -2.64 3.70 19.65
N VAL A 145 -2.00 2.55 19.49
CA VAL A 145 -1.86 1.91 18.20
C VAL A 145 -3.16 1.72 17.41
N SER A 146 -4.27 1.59 18.12
CA SER A 146 -5.58 1.36 17.50
C SER A 146 -5.93 2.37 16.41
N TYR A 147 -5.51 3.62 16.62
CA TYR A 147 -5.78 4.69 15.65
C TYR A 147 -4.89 4.62 14.40
N TYR A 148 -5.44 5.11 13.28
CA TYR A 148 -4.68 5.22 12.03
C TYR A 148 -4.15 6.63 12.25
N THR A 149 -3.13 7.06 11.51
CA THR A 149 -2.64 8.42 11.71
C THR A 149 -2.81 9.22 10.44
N ARG A 150 -2.84 10.54 10.55
CA ARG A 150 -3.00 11.36 9.37
C ARG A 150 -1.80 12.28 9.18
N ILE A 151 -1.57 12.68 7.94
CA ILE A 151 -0.48 13.56 7.57
C ILE A 151 -0.89 15.01 7.81
N LEU A 152 -2.05 15.35 7.28
CA LEU A 152 -2.60 16.69 7.46
C LEU A 152 -3.68 16.64 8.52
N PRO A 153 -3.86 17.75 9.26
CA PRO A 153 -4.90 17.72 10.27
C PRO A 153 -6.22 17.58 9.52
N SER A 154 -7.32 17.29 10.20
CA SER A 154 -8.57 17.14 9.48
C SER A 154 -9.11 18.52 9.17
N VAL A 155 -10.26 18.57 8.51
CA VAL A 155 -10.88 19.86 8.20
C VAL A 155 -11.48 20.36 9.47
N PRO A 156 -11.14 21.59 9.88
CA PRO A 156 -11.74 22.07 11.13
C PRO A 156 -13.25 21.86 11.06
N ARG A 157 -13.82 21.21 12.07
CA ARG A 157 -15.26 20.89 12.11
C ARG A 157 -16.14 22.10 12.46
N ASP A 158 -15.97 23.19 11.70
CA ASP A 158 -16.72 24.41 11.97
C ASP A 158 -16.39 25.44 10.91
N CYS A 159 -15.97 24.96 9.75
CA CYS A 159 -15.62 25.84 8.65
C CYS A 159 -16.84 26.01 7.77
N PRO A 160 -16.91 27.13 7.03
CA PRO A 160 -18.01 27.45 6.12
C PRO A 160 -18.32 26.27 5.21
N THR A 161 -17.36 25.94 4.36
CA THR A 161 -17.52 24.83 3.42
C THR A 161 -16.99 23.53 3.99
N PRO A 162 -17.52 22.40 3.50
CA PRO A 162 -17.11 21.06 3.95
C PRO A 162 -15.61 20.81 3.81
N MET A 163 -14.98 21.60 2.93
CA MET A 163 -13.55 21.49 2.65
C MET A 163 -12.67 22.66 3.13
N GLY A 164 -13.28 23.62 3.81
CA GLY A 164 -12.52 24.76 4.28
C GLY A 164 -13.22 26.08 4.04
N THR A 165 -12.93 26.70 2.91
CA THR A 165 -13.54 27.99 2.59
C THR A 165 -14.12 28.04 1.18
N LYS A 166 -13.45 27.38 0.25
CA LYS A 166 -13.89 27.40 -1.14
C LYS A 166 -14.73 26.18 -1.45
N GLY A 167 -15.65 26.33 -2.39
CA GLY A 167 -16.51 25.24 -2.78
C GLY A 167 -17.98 25.46 -2.49
N LYS A 168 -18.79 24.49 -2.91
CA LYS A 168 -20.24 24.55 -2.69
C LYS A 168 -20.57 23.98 -1.29
N LYS A 169 -21.60 24.56 -0.67
CA LYS A 169 -22.06 24.16 0.66
C LYS A 169 -22.18 22.63 0.84
N GLN A 170 -22.41 21.89 -0.25
CA GLN A 170 -22.50 20.42 -0.17
C GLN A 170 -21.70 19.75 -1.29
N LEU A 171 -21.05 18.62 -0.97
CA LEU A 171 -20.23 17.89 -1.92
C LEU A 171 -21.00 17.01 -2.90
N PRO A 172 -20.41 16.73 -4.07
CA PRO A 172 -21.05 15.89 -5.08
C PRO A 172 -21.50 14.52 -4.54
N ASP A 173 -22.74 14.13 -4.83
CA ASP A 173 -23.27 12.84 -4.39
C ASP A 173 -22.24 11.81 -4.79
N ALA A 174 -21.67 11.13 -3.80
CA ALA A 174 -20.64 10.13 -4.07
C ALA A 174 -21.12 9.02 -4.99
N GLU A 175 -22.43 8.85 -5.07
CA GLU A 175 -22.99 7.81 -5.93
C GLU A 175 -22.84 8.30 -7.36
N PHE A 176 -23.27 9.52 -7.61
CA PHE A 176 -23.19 10.15 -8.92
C PHE A 176 -21.73 10.22 -9.38
N LEU A 177 -20.97 11.00 -8.65
CA LEU A 177 -19.56 11.24 -8.87
C LEU A 177 -18.82 9.92 -9.22
N SER A 178 -19.23 8.82 -8.62
CA SER A 178 -18.60 7.54 -8.89
C SER A 178 -19.03 6.99 -10.24
N ARG A 179 -20.35 6.85 -10.44
CA ARG A 179 -20.87 6.32 -11.70
C ARG A 179 -20.37 7.14 -12.86
N ARG A 180 -20.51 8.46 -12.72
CA ARG A 180 -20.07 9.44 -13.72
C ARG A 180 -18.61 9.34 -14.17
N PHE A 181 -17.69 9.18 -13.21
CA PHE A 181 -16.25 9.16 -13.49
C PHE A 181 -15.43 7.93 -13.15
N LEU A 182 -15.78 7.23 -12.09
CA LEU A 182 -14.99 6.05 -11.74
C LEU A 182 -15.58 4.76 -12.31
N LEU A 183 -16.83 4.80 -12.78
CA LEU A 183 -17.41 3.58 -13.33
C LEU A 183 -16.80 3.28 -14.68
N ARG A 184 -16.38 2.03 -14.83
CA ARG A 184 -15.77 1.58 -16.07
C ARG A 184 -16.81 1.45 -17.16
N ARG A 185 -16.38 1.73 -18.38
CA ARG A 185 -17.23 1.60 -19.55
C ARG A 185 -16.54 0.50 -20.37
N LYS A 186 -15.43 0.85 -20.99
CA LYS A 186 -14.64 -0.10 -21.75
C LYS A 186 -13.41 -0.35 -20.88
N PHE A 187 -13.07 -1.62 -20.66
CA PHE A 187 -11.91 -1.95 -19.83
C PHE A 187 -10.59 -1.49 -20.44
N ILE A 188 -9.96 -0.53 -19.78
CA ILE A 188 -8.66 0.03 -20.21
C ILE A 188 -7.55 -0.70 -19.49
N PRO A 189 -6.83 -1.58 -20.18
CA PRO A 189 -5.74 -2.30 -19.51
C PRO A 189 -4.53 -1.42 -19.20
N ASP A 190 -3.66 -1.93 -18.33
CA ASP A 190 -2.47 -1.19 -17.94
C ASP A 190 -1.35 -1.11 -18.99
N PRO A 191 -1.03 0.10 -19.44
CA PRO A 191 0.02 0.28 -20.45
C PRO A 191 1.36 -0.40 -20.15
N GLN A 192 1.59 -0.76 -18.88
CA GLN A 192 2.86 -1.39 -18.46
C GLN A 192 2.91 -2.91 -18.44
N GLY A 193 1.81 -3.56 -18.82
CA GLY A 193 1.79 -5.01 -18.83
C GLY A 193 1.52 -5.64 -17.48
N THR A 194 1.14 -4.82 -16.50
CA THR A 194 0.83 -5.30 -15.16
C THR A 194 -0.25 -6.39 -15.30
N ASN A 195 -0.10 -7.49 -14.56
CA ASN A 195 -1.06 -8.58 -14.62
C ASN A 195 -1.79 -8.86 -13.31
N LEU A 196 -2.73 -9.81 -13.36
CA LEU A 196 -3.51 -10.18 -12.18
C LEU A 196 -2.70 -10.90 -11.11
N MET A 197 -1.62 -11.56 -11.50
CA MET A 197 -0.79 -12.22 -10.50
C MET A 197 -0.22 -11.13 -9.61
N PHE A 198 -0.21 -9.90 -10.13
CA PHE A 198 0.29 -8.74 -9.40
C PHE A 198 -0.83 -8.17 -8.55
N ALA A 199 -1.98 -7.94 -9.19
CA ALA A 199 -3.13 -7.37 -8.50
C ALA A 199 -3.45 -8.07 -7.17
N PHE A 200 -3.32 -9.38 -7.12
CA PHE A 200 -3.61 -10.07 -5.88
C PHE A 200 -2.51 -9.86 -4.86
N PHE A 201 -1.26 -10.10 -5.25
CA PHE A 201 -0.15 -9.90 -4.35
C PHE A 201 -0.36 -8.55 -3.68
N ALA A 202 -0.72 -7.56 -4.50
CA ALA A 202 -0.98 -6.21 -4.01
C ALA A 202 -2.07 -6.21 -2.94
N GLN A 203 -3.23 -6.76 -3.28
CA GLN A 203 -4.36 -6.83 -2.36
C GLN A 203 -3.99 -7.58 -1.09
N HIS A 204 -3.48 -8.79 -1.27
CA HIS A 204 -3.08 -9.61 -0.16
C HIS A 204 -2.16 -8.78 0.74
N PHE A 205 -0.93 -8.58 0.27
CA PHE A 205 0.09 -7.80 0.97
C PHE A 205 -0.43 -6.56 1.72
N THR A 206 -1.23 -5.72 1.07
CA THR A 206 -1.71 -4.52 1.75
C THR A 206 -2.69 -4.81 2.87
N HIS A 207 -3.43 -5.91 2.79
CA HIS A 207 -4.41 -6.21 3.83
C HIS A 207 -3.82 -6.64 5.16
N GLN A 208 -2.49 -6.61 5.27
CA GLN A 208 -1.87 -6.99 6.54
C GLN A 208 -1.71 -5.76 7.40
N PHE A 209 -1.86 -4.58 6.80
CA PHE A 209 -1.80 -3.33 7.58
C PHE A 209 -3.08 -2.53 7.43
N PHE A 210 -3.93 -2.95 6.49
CA PHE A 210 -5.23 -2.32 6.30
C PHE A 210 -6.26 -3.32 6.82
N LYS A 211 -6.92 -2.95 7.91
CA LYS A 211 -7.97 -3.76 8.54
C LYS A 211 -8.77 -2.76 9.33
N THR A 212 -9.59 -1.97 8.68
CA THR A 212 -10.34 -1.02 9.45
C THR A 212 -11.33 -1.79 10.30
N SER A 213 -11.29 -1.51 11.60
CA SER A 213 -12.17 -2.17 12.57
C SER A 213 -13.60 -1.74 12.34
N GLY A 214 -14.38 -2.60 11.68
CA GLY A 214 -15.78 -2.27 11.45
C GLY A 214 -16.40 -1.88 12.80
N LYS A 215 -16.15 -2.72 13.81
CA LYS A 215 -16.63 -2.53 15.18
C LYS A 215 -16.29 -1.12 15.75
N MET A 216 -15.00 -0.78 15.82
CA MET A 216 -14.59 0.55 16.33
C MET A 216 -14.87 1.63 15.32
N GLY A 217 -15.03 1.23 14.06
CA GLY A 217 -15.34 2.18 13.02
C GLY A 217 -14.20 2.56 12.12
N PRO A 218 -14.35 3.66 11.34
CA PRO A 218 -13.30 4.12 10.44
C PRO A 218 -12.22 4.80 11.27
N GLY A 219 -11.03 4.91 10.69
CA GLY A 219 -9.93 5.55 11.39
C GLY A 219 -9.31 4.70 12.47
N PHE A 220 -9.75 3.44 12.60
CA PHE A 220 -9.20 2.54 13.60
C PHE A 220 -8.75 1.24 12.92
N THR A 221 -7.79 0.51 13.50
CA THR A 221 -7.30 -0.72 12.85
C THR A 221 -7.03 -1.96 13.72
N LYS A 222 -7.59 -3.09 13.30
CA LYS A 222 -7.39 -4.33 14.02
C LYS A 222 -5.95 -4.74 13.82
N ALA A 223 -5.42 -4.38 12.64
CA ALA A 223 -4.04 -4.66 12.25
C ALA A 223 -3.05 -3.74 12.98
N LEU A 224 -2.76 -4.08 14.23
CA LEU A 224 -1.80 -3.32 15.00
C LEU A 224 -0.50 -3.94 14.46
N GLY A 225 0.63 -3.24 14.61
CA GLY A 225 1.87 -3.77 14.05
C GLY A 225 2.27 -2.77 12.99
N HIS A 226 1.28 -2.39 12.19
CA HIS A 226 1.45 -1.38 11.16
C HIS A 226 2.47 -1.59 10.06
N GLY A 227 3.32 -2.59 10.19
CA GLY A 227 4.29 -2.76 9.15
C GLY A 227 4.06 -4.02 8.37
N VAL A 228 5.15 -4.63 7.95
CA VAL A 228 5.08 -5.86 7.22
C VAL A 228 5.42 -6.89 8.29
N ASP A 229 4.50 -7.06 9.23
CA ASP A 229 4.66 -8.01 10.31
C ASP A 229 4.08 -9.35 9.92
N LEU A 230 3.33 -9.35 8.83
CA LEU A 230 2.68 -10.54 8.29
C LEU A 230 1.51 -11.06 9.11
N GLY A 231 0.85 -10.14 9.83
CA GLY A 231 -0.31 -10.48 10.65
C GLY A 231 -1.50 -10.82 9.78
N HIS A 232 -1.21 -11.33 8.58
CA HIS A 232 -2.25 -11.70 7.65
C HIS A 232 -1.95 -13.16 7.27
N ILE A 233 -0.96 -13.72 7.96
CA ILE A 233 -0.59 -15.12 7.79
C ILE A 233 -0.66 -15.66 9.22
N TYR A 234 0.35 -15.35 10.02
CA TYR A 234 0.41 -15.77 11.41
C TYR A 234 -0.68 -15.12 12.25
N GLY A 235 -1.60 -14.42 11.63
CA GLY A 235 -2.67 -13.79 12.36
C GLY A 235 -2.26 -12.60 13.18
N ASP A 236 -3.22 -11.76 13.54
CA ASP A 236 -2.95 -10.54 14.30
C ASP A 236 -3.17 -10.58 15.81
N ASN A 237 -3.31 -11.78 16.38
CA ASN A 237 -3.48 -11.96 17.82
C ASN A 237 -2.74 -13.24 18.13
N LEU A 238 -2.26 -13.38 19.38
CA LEU A 238 -1.48 -14.55 19.76
C LEU A 238 -2.21 -15.90 19.74
N GLU A 239 -3.49 -15.87 20.08
CA GLU A 239 -4.28 -17.10 20.08
C GLU A 239 -4.34 -17.65 18.65
N ARG A 240 -4.88 -16.83 17.75
CA ARG A 240 -5.02 -17.20 16.35
C ARG A 240 -3.72 -17.77 15.82
N GLN A 241 -2.61 -17.25 16.31
CA GLN A 241 -1.33 -17.75 15.87
C GLN A 241 -1.25 -19.16 16.40
N TYR A 242 -1.53 -19.31 17.69
CA TYR A 242 -1.51 -20.62 18.34
C TYR A 242 -2.56 -21.54 17.71
N GLN A 243 -3.59 -20.95 17.11
CA GLN A 243 -4.65 -21.75 16.48
C GLN A 243 -4.16 -22.30 15.17
N LEU A 244 -3.41 -21.47 14.44
CA LEU A 244 -2.88 -21.88 13.15
C LEU A 244 -1.57 -22.62 13.36
N ARG A 245 -0.92 -22.30 14.47
CA ARG A 245 0.35 -22.91 14.82
C ARG A 245 0.25 -24.37 15.21
N LEU A 246 1.01 -25.22 14.52
CA LEU A 246 1.00 -26.67 14.76
C LEU A 246 2.08 -27.16 15.74
N PHE A 247 2.49 -26.27 16.62
CA PHE A 247 3.52 -26.49 17.64
C PHE A 247 4.48 -27.67 17.58
N LYS A 248 5.03 -27.94 16.42
CA LYS A 248 6.02 -29.00 16.26
C LYS A 248 6.96 -28.55 15.13
N ASP A 249 8.27 -28.56 15.38
CA ASP A 249 9.24 -28.13 14.37
C ASP A 249 8.92 -26.74 13.81
N GLY A 250 8.24 -25.92 14.62
CA GLY A 250 7.89 -24.57 14.24
C GLY A 250 6.89 -24.38 13.13
N LYS A 251 6.53 -25.45 12.44
CA LYS A 251 5.59 -25.37 11.31
C LYS A 251 4.19 -24.89 11.62
N LEU A 252 3.37 -24.89 10.57
CA LEU A 252 1.98 -24.48 10.65
C LEU A 252 1.06 -25.63 10.21
N LYS A 253 -0.15 -25.63 10.76
CA LYS A 253 -1.15 -26.64 10.43
C LYS A 253 -1.45 -26.62 8.94
N TYR A 254 -2.01 -27.71 8.43
CA TYR A 254 -2.33 -27.78 7.01
C TYR A 254 -2.96 -29.13 6.65
N GLN A 255 -3.63 -29.16 5.51
CA GLN A 255 -4.29 -30.37 5.03
C GLN A 255 -3.73 -30.84 3.69
N MET A 256 -3.91 -32.12 3.40
CA MET A 256 -3.40 -32.71 2.14
C MET A 256 -4.50 -33.01 1.16
N LEU A 257 -4.88 -32.04 0.35
CA LEU A 257 -5.91 -32.26 -0.66
C LEU A 257 -5.20 -32.51 -2.00
N ASN A 258 -5.39 -33.72 -2.55
CA ASN A 258 -4.79 -34.13 -3.83
C ASN A 258 -3.30 -34.47 -3.71
N GLY A 259 -2.77 -34.36 -2.49
CA GLY A 259 -1.35 -34.60 -2.27
C GLY A 259 -0.70 -33.24 -2.13
N GLU A 260 -1.49 -32.20 -2.34
CA GLU A 260 -1.02 -30.82 -2.25
C GLU A 260 -1.28 -30.24 -0.85
N VAL A 261 -0.40 -29.33 -0.43
CA VAL A 261 -0.52 -28.71 0.89
C VAL A 261 -1.37 -27.43 0.80
N TYR A 262 -2.29 -27.28 1.75
CA TYR A 262 -3.17 -26.11 1.79
C TYR A 262 -3.42 -25.66 3.22
N PRO A 263 -4.10 -24.53 3.40
CA PRO A 263 -4.33 -24.11 4.78
C PRO A 263 -5.22 -25.14 5.44
N PRO A 264 -5.01 -25.40 6.73
CA PRO A 264 -5.87 -26.38 7.38
C PRO A 264 -7.28 -25.78 7.50
N SER A 265 -8.29 -26.64 7.58
CA SER A 265 -9.68 -26.21 7.69
C SER A 265 -9.95 -25.84 9.14
N VAL A 266 -11.04 -25.10 9.37
CA VAL A 266 -11.39 -24.69 10.73
C VAL A 266 -11.64 -25.90 11.65
N GLU A 267 -11.96 -27.04 11.04
CA GLU A 267 -12.22 -28.29 11.77
C GLU A 267 -10.91 -28.85 12.36
N GLU A 268 -9.93 -27.97 12.57
CA GLU A 268 -8.63 -28.37 13.13
C GLU A 268 -7.91 -27.09 13.58
N ALA A 269 -8.28 -25.99 12.92
CA ALA A 269 -7.74 -24.67 13.21
C ALA A 269 -8.98 -23.85 13.64
N PRO A 270 -9.40 -24.04 14.90
CA PRO A 270 -10.55 -23.38 15.52
C PRO A 270 -10.53 -21.87 15.45
N VAL A 271 -10.13 -21.31 14.31
CA VAL A 271 -10.09 -19.85 14.27
C VAL A 271 -11.16 -19.24 13.39
N LEU A 272 -11.57 -18.04 13.81
CA LEU A 272 -12.59 -17.28 13.13
C LEU A 272 -12.24 -16.92 11.68
N MET A 273 -13.28 -16.83 10.85
CA MET A 273 -13.15 -16.48 9.43
C MET A 273 -14.40 -15.70 8.97
N HIS A 274 -14.75 -15.78 7.70
CA HIS A 274 -15.93 -15.05 7.21
C HIS A 274 -16.54 -15.78 6.05
N TYR A 275 -16.14 -17.04 5.88
CA TYR A 275 -16.67 -17.88 4.83
C TYR A 275 -18.21 -17.80 4.88
N PRO A 276 -18.89 -17.69 3.73
CA PRO A 276 -20.36 -17.62 3.75
C PRO A 276 -21.00 -18.93 4.25
N ARG A 277 -22.15 -18.79 4.93
CA ARG A 277 -22.92 -19.90 5.52
C ARG A 277 -23.12 -21.16 4.66
N GLY A 278 -22.03 -21.88 4.39
CA GLY A 278 -22.10 -23.05 3.54
C GLY A 278 -21.54 -24.37 4.06
N ILE A 279 -20.22 -24.57 3.97
CA ILE A 279 -19.64 -25.81 4.45
C ILE A 279 -18.42 -25.64 5.36
N PRO A 280 -18.60 -24.91 6.50
CA PRO A 280 -17.51 -24.67 7.47
C PRO A 280 -16.57 -25.87 7.66
N PRO A 281 -17.01 -27.09 7.31
CA PRO A 281 -16.09 -28.23 7.47
C PRO A 281 -14.93 -28.11 6.48
N GLN A 282 -14.86 -29.00 5.51
CA GLN A 282 -13.77 -28.93 4.52
C GLN A 282 -14.02 -27.82 3.50
N SER A 283 -12.95 -27.39 2.83
CA SER A 283 -13.02 -26.30 1.85
C SER A 283 -13.13 -24.97 2.60
N GLN A 284 -13.26 -25.07 3.93
CA GLN A 284 -13.38 -23.90 4.79
C GLN A 284 -12.07 -23.82 5.58
N MET A 285 -11.06 -23.22 4.93
CA MET A 285 -9.71 -23.10 5.47
C MET A 285 -9.36 -21.94 6.39
N ALA A 286 -8.37 -22.20 7.25
CA ALA A 286 -7.85 -21.23 8.22
C ALA A 286 -6.52 -20.62 7.70
N VAL A 287 -6.40 -19.29 7.82
CA VAL A 287 -5.24 -18.62 7.30
C VAL A 287 -4.56 -17.56 8.16
N GLY A 288 -5.34 -16.71 8.82
CA GLY A 288 -4.70 -15.68 9.62
C GLY A 288 -5.27 -14.33 9.27
N GLN A 289 -5.89 -14.27 8.10
CA GLN A 289 -6.55 -13.06 7.67
C GLN A 289 -7.98 -13.53 7.38
N GLU A 290 -8.83 -13.38 8.38
CA GLU A 290 -10.23 -13.80 8.35
C GLU A 290 -10.94 -13.74 7.00
N VAL A 291 -10.66 -12.69 6.24
CA VAL A 291 -11.33 -12.47 4.98
C VAL A 291 -10.75 -13.16 3.75
N PHE A 292 -9.61 -13.82 3.90
CA PHE A 292 -8.96 -14.49 2.77
C PHE A 292 -9.64 -15.71 2.17
N GLY A 293 -10.83 -16.02 2.67
CA GLY A 293 -11.58 -17.14 2.15
C GLY A 293 -12.36 -16.68 0.94
N LEU A 294 -12.86 -15.46 1.05
CA LEU A 294 -13.66 -14.83 0.02
C LEU A 294 -13.20 -14.86 -1.42
N LEU A 295 -11.89 -14.83 -1.70
CA LEU A 295 -11.44 -14.87 -3.11
C LEU A 295 -10.30 -15.85 -3.30
N PRO A 296 -10.32 -16.60 -4.42
CA PRO A 296 -9.29 -17.61 -4.73
C PRO A 296 -7.85 -17.09 -4.80
N GLY A 297 -7.70 -15.81 -5.20
CA GLY A 297 -6.37 -15.21 -5.30
C GLY A 297 -5.64 -15.11 -3.98
N LEU A 298 -6.35 -14.64 -2.95
CA LEU A 298 -5.78 -14.49 -1.63
C LEU A 298 -5.45 -15.85 -1.03
N MET A 299 -6.42 -16.77 -1.08
CA MET A 299 -6.21 -18.09 -0.53
C MET A 299 -5.01 -18.67 -1.26
N LEU A 300 -4.92 -18.36 -2.56
CA LEU A 300 -3.80 -18.82 -3.38
C LEU A 300 -2.53 -18.36 -2.72
N TYR A 301 -2.38 -17.06 -2.55
CA TYR A 301 -1.18 -16.54 -1.92
C TYR A 301 -0.93 -17.06 -0.52
N ALA A 302 -1.98 -17.06 0.32
CA ALA A 302 -1.86 -17.55 1.69
C ALA A 302 -1.26 -18.96 1.68
N THR A 303 -1.65 -19.74 0.69
CA THR A 303 -1.19 -21.11 0.51
C THR A 303 0.31 -21.13 0.19
N ILE A 304 0.70 -20.27 -0.75
CA ILE A 304 2.09 -20.15 -1.18
C ILE A 304 2.97 -19.81 0.00
N TRP A 305 2.54 -18.82 0.77
CA TRP A 305 3.28 -18.39 1.93
C TRP A 305 3.31 -19.50 2.97
N LEU A 306 2.14 -20.02 3.32
CA LEU A 306 2.08 -21.09 4.31
C LEU A 306 2.94 -22.25 3.90
N ARG A 307 2.87 -22.61 2.63
CA ARG A 307 3.66 -23.72 2.15
C ARG A 307 5.15 -23.36 2.14
N GLU A 308 5.42 -22.06 2.15
CA GLU A 308 6.79 -21.51 2.16
C GLU A 308 7.39 -21.54 3.57
N HIS A 309 6.65 -20.99 4.52
CA HIS A 309 7.05 -20.95 5.91
C HIS A 309 7.48 -22.33 6.39
N ASN A 310 6.57 -23.29 6.28
CA ASN A 310 6.82 -24.66 6.68
C ASN A 310 8.07 -25.15 5.95
N ARG A 311 8.32 -24.58 4.78
CA ARG A 311 9.49 -24.94 3.98
C ARG A 311 10.77 -24.37 4.60
N VAL A 312 10.68 -23.15 5.14
CA VAL A 312 11.81 -22.48 5.80
C VAL A 312 12.15 -23.22 7.10
N CYS A 313 11.10 -23.71 7.77
CA CYS A 313 11.26 -24.46 9.02
C CYS A 313 12.12 -25.68 8.81
N ASP A 314 11.85 -26.39 7.73
CA ASP A 314 12.61 -27.58 7.40
C ASP A 314 14.11 -27.27 7.37
N LEU A 315 14.49 -26.27 6.59
CA LEU A 315 15.88 -25.85 6.47
C LEU A 315 16.54 -25.56 7.81
N LEU A 316 15.88 -24.77 8.65
CA LEU A 316 16.41 -24.43 9.97
C LEU A 316 16.66 -25.66 10.84
N LYS A 317 15.65 -26.52 10.96
CA LYS A 317 15.73 -27.75 11.75
C LYS A 317 16.93 -28.59 11.37
N ALA A 318 17.41 -28.41 10.14
CA ALA A 318 18.56 -29.16 9.68
C ALA A 318 19.84 -28.50 10.16
N GLU A 319 19.77 -27.19 10.30
CA GLU A 319 20.91 -26.38 10.72
C GLU A 319 21.04 -26.33 12.22
N HIS A 320 19.91 -26.18 12.89
CA HIS A 320 19.94 -26.11 14.32
C HIS A 320 19.06 -27.22 14.89
N PRO A 321 19.53 -28.47 14.84
CA PRO A 321 18.73 -29.58 15.35
C PRO A 321 18.40 -29.47 16.83
N THR A 322 19.21 -28.73 17.58
CA THR A 322 18.96 -28.59 19.01
C THR A 322 17.91 -27.53 19.27
N TRP A 323 17.59 -26.73 18.26
CA TRP A 323 16.59 -25.70 18.41
C TRP A 323 15.23 -26.22 18.89
N GLY A 324 14.35 -25.32 19.31
CA GLY A 324 13.04 -25.72 19.77
C GLY A 324 11.99 -25.33 18.76
N ASP A 325 10.72 -25.31 19.17
CA ASP A 325 9.62 -24.94 18.30
C ASP A 325 9.46 -23.41 18.25
N GLU A 326 9.43 -22.77 19.40
CA GLU A 326 9.30 -21.31 19.45
C GLU A 326 10.28 -20.63 18.50
N GLN A 327 11.56 -20.94 18.65
CA GLN A 327 12.59 -20.37 17.80
C GLN A 327 12.23 -20.69 16.36
N LEU A 328 12.55 -21.91 15.92
CA LEU A 328 12.24 -22.38 14.58
C LEU A 328 11.09 -21.59 13.96
N PHE A 329 10.04 -21.36 14.76
CA PHE A 329 8.92 -20.59 14.29
C PHE A 329 9.36 -19.14 14.07
N GLN A 330 9.62 -18.41 15.16
CA GLN A 330 10.05 -17.01 15.08
C GLN A 330 11.12 -16.73 14.02
N THR A 331 12.15 -17.57 13.96
CA THR A 331 13.21 -17.39 12.98
C THR A 331 12.64 -17.44 11.59
N ALA A 332 11.61 -18.26 11.39
CA ALA A 332 10.98 -18.35 10.08
C ALA A 332 10.12 -17.12 9.82
N ARG A 333 9.51 -16.58 10.86
CA ARG A 333 8.67 -15.41 10.67
C ARG A 333 9.50 -14.22 10.21
N LEU A 334 10.68 -14.10 10.78
CA LEU A 334 11.58 -13.02 10.41
C LEU A 334 12.04 -13.25 8.96
N ILE A 335 12.39 -14.49 8.63
CA ILE A 335 12.80 -14.85 7.26
C ILE A 335 11.70 -14.55 6.23
N LEU A 336 10.44 -14.51 6.64
CA LEU A 336 9.38 -14.22 5.69
C LEU A 336 9.13 -12.72 5.64
N ILE A 337 9.43 -12.02 6.74
CA ILE A 337 9.25 -10.58 6.76
C ILE A 337 10.34 -10.02 5.86
N GLY A 338 11.46 -10.72 5.80
CA GLY A 338 12.54 -10.27 4.96
C GLY A 338 12.12 -10.53 3.54
N GLU A 339 12.07 -11.79 3.15
CA GLU A 339 11.70 -12.16 1.80
C GLU A 339 10.57 -11.34 1.22
N THR A 340 9.66 -10.89 2.05
CA THR A 340 8.55 -10.09 1.56
C THR A 340 9.06 -8.70 1.20
N ILE A 341 9.71 -8.05 2.15
CA ILE A 341 10.24 -6.72 1.95
C ILE A 341 11.16 -6.68 0.74
N LYS A 342 11.82 -7.80 0.47
CA LYS A 342 12.73 -7.93 -0.65
C LYS A 342 11.96 -7.91 -1.94
N ILE A 343 11.06 -8.87 -2.12
CA ILE A 343 10.26 -8.97 -3.33
C ILE A 343 9.42 -7.73 -3.56
N VAL A 344 8.78 -7.24 -2.52
CA VAL A 344 7.96 -6.04 -2.66
C VAL A 344 8.74 -4.88 -3.26
N ILE A 345 9.99 -4.71 -2.84
CA ILE A 345 10.80 -3.62 -3.36
C ILE A 345 11.45 -3.87 -4.72
N GLU A 346 12.26 -4.92 -4.82
CA GLU A 346 12.96 -5.19 -6.07
C GLU A 346 12.15 -5.74 -7.24
N GLU A 347 10.89 -6.11 -7.00
CA GLU A 347 10.04 -6.62 -8.07
C GLU A 347 8.68 -5.94 -8.15
N TYR A 348 8.01 -5.89 -7.02
CA TYR A 348 6.71 -5.26 -6.96
C TYR A 348 6.80 -3.80 -7.38
N VAL A 349 7.63 -3.02 -6.69
CA VAL A 349 7.75 -1.62 -7.03
C VAL A 349 8.52 -1.43 -8.33
N GLN A 350 9.42 -2.35 -8.64
CA GLN A 350 10.17 -2.26 -9.89
C GLN A 350 9.24 -2.25 -11.10
N GLN A 351 8.26 -3.13 -11.08
CA GLN A 351 7.28 -3.26 -12.16
C GLN A 351 6.30 -2.09 -12.16
N LEU A 352 5.96 -1.65 -10.97
CA LEU A 352 5.01 -0.58 -10.84
C LEU A 352 5.61 0.75 -11.31
N SER A 353 6.89 0.92 -11.03
CA SER A 353 7.60 2.14 -11.38
C SER A 353 7.79 2.42 -12.86
N GLY A 354 8.32 1.44 -13.59
CA GLY A 354 8.57 1.63 -15.01
C GLY A 354 9.95 2.27 -15.16
N TYR A 355 10.70 2.21 -14.06
CA TYR A 355 12.03 2.75 -13.97
C TYR A 355 13.08 1.88 -14.65
N PHE A 356 14.12 2.49 -15.20
CA PHE A 356 15.22 1.73 -15.82
C PHE A 356 16.25 1.63 -14.72
N LEU A 357 16.11 2.49 -13.72
CA LEU A 357 17.00 2.40 -12.59
C LEU A 357 16.48 1.15 -11.91
N GLN A 358 17.35 0.20 -11.70
CA GLN A 358 16.96 -1.03 -11.05
C GLN A 358 16.93 -0.80 -9.53
N LEU A 359 15.73 -0.80 -8.95
CA LEU A 359 15.57 -0.60 -7.50
C LEU A 359 16.32 -1.68 -6.73
N LYS A 360 16.67 -1.38 -5.49
CA LYS A 360 17.42 -2.34 -4.68
C LYS A 360 17.11 -2.31 -3.19
N PHE A 361 17.06 -3.50 -2.60
CA PHE A 361 16.79 -3.63 -1.17
C PHE A 361 18.04 -4.07 -0.40
N ASP A 362 18.57 -3.13 0.37
CA ASP A 362 19.75 -3.36 1.19
C ASP A 362 19.69 -2.36 2.33
N PRO A 363 19.25 -2.83 3.51
CA PRO A 363 19.13 -1.99 4.69
C PRO A 363 20.35 -1.17 5.02
N GLU A 364 21.54 -1.67 4.69
CA GLU A 364 22.77 -0.94 5.00
C GLU A 364 22.87 0.43 4.34
N LEU A 365 22.12 0.64 3.27
CA LEU A 365 22.13 1.92 2.56
C LEU A 365 21.72 3.07 3.49
N LEU A 366 20.91 2.78 4.50
CA LEU A 366 20.45 3.81 5.42
C LEU A 366 21.19 3.89 6.74
N PHE A 367 22.19 3.04 6.94
CA PHE A 367 22.91 3.03 8.21
C PHE A 367 23.62 4.31 8.59
N GLY A 368 23.89 5.17 7.63
CA GLY A 368 24.57 6.43 7.92
C GLY A 368 23.61 7.57 8.14
N ALA A 369 22.39 7.42 7.63
CA ALA A 369 21.35 8.43 7.73
C ALA A 369 20.67 8.47 9.11
N GLN A 370 19.73 9.41 9.25
CA GLN A 370 18.96 9.54 10.48
C GLN A 370 17.59 9.02 10.14
N PHE A 371 17.36 7.75 10.42
CA PHE A 371 16.11 7.09 10.09
C PHE A 371 15.43 6.48 11.31
N GLN A 372 14.11 6.56 11.40
CA GLN A 372 13.43 5.99 12.55
C GLN A 372 12.83 4.67 12.15
N TYR A 373 13.29 3.60 12.76
CA TYR A 373 12.79 2.26 12.46
C TYR A 373 11.48 2.01 13.21
N ARG A 374 10.41 2.60 12.69
CA ARG A 374 9.08 2.50 13.26
C ARG A 374 8.08 3.09 12.29
N ASN A 375 7.11 2.31 11.86
CA ASN A 375 6.10 2.84 10.96
C ASN A 375 4.70 2.80 11.57
N ARG A 376 3.86 3.71 11.10
CA ARG A 376 2.50 3.80 11.58
C ARG A 376 1.57 4.12 10.43
N ILE A 377 0.88 3.11 9.89
CA ILE A 377 -0.03 3.30 8.77
C ILE A 377 -0.97 4.50 8.91
N ALA A 378 -1.03 5.29 7.85
CA ALA A 378 -1.87 6.48 7.81
C ALA A 378 -3.16 6.21 7.06
N MET A 379 -4.18 7.02 7.30
CA MET A 379 -5.46 6.85 6.65
C MET A 379 -5.40 7.33 5.21
N GLU A 380 -4.56 8.31 4.94
CA GLU A 380 -4.44 8.80 3.58
C GLU A 380 -3.74 7.74 2.72
N PHE A 381 -2.96 6.88 3.36
CA PHE A 381 -2.27 5.81 2.66
C PHE A 381 -3.40 4.84 2.31
N ASN A 382 -4.08 4.36 3.34
CA ASN A 382 -5.21 3.46 3.17
C ASN A 382 -6.11 3.88 2.01
N GLN A 383 -6.47 5.16 1.93
CA GLN A 383 -7.35 5.63 0.87
C GLN A 383 -6.78 5.47 -0.51
N LEU A 384 -5.52 5.80 -0.69
CA LEU A 384 -4.92 5.74 -2.02
C LEU A 384 -4.40 4.40 -2.44
N TYR A 385 -4.62 3.38 -1.61
CA TYR A 385 -4.17 2.06 -1.95
C TYR A 385 -5.38 1.26 -2.41
N HIS A 386 -6.47 1.97 -2.67
CA HIS A 386 -7.71 1.36 -3.13
C HIS A 386 -7.67 1.20 -4.63
N TRP A 387 -6.79 0.31 -5.08
CA TRP A 387 -6.60 0.04 -6.50
C TRP A 387 -7.61 -0.95 -7.08
N HIS A 388 -8.89 -0.71 -6.77
CA HIS A 388 -9.92 -1.59 -7.25
C HIS A 388 -10.02 -1.66 -8.78
N PRO A 389 -9.59 -0.58 -9.49
CA PRO A 389 -9.67 -0.67 -10.96
C PRO A 389 -8.65 -1.61 -11.59
N LEU A 390 -7.80 -2.22 -10.78
CA LEU A 390 -6.82 -3.18 -11.30
C LEU A 390 -7.60 -4.42 -11.75
N MET A 391 -8.74 -4.61 -11.11
CA MET A 391 -9.62 -5.74 -11.36
C MET A 391 -10.29 -5.77 -12.74
N PRO A 392 -10.16 -6.91 -13.43
CA PRO A 392 -10.69 -7.19 -14.77
C PRO A 392 -12.20 -7.13 -14.96
N ASP A 393 -12.65 -7.77 -16.05
CA ASP A 393 -14.06 -7.84 -16.37
C ASP A 393 -14.58 -9.22 -15.97
N SER A 394 -13.76 -10.24 -16.25
CA SER A 394 -14.06 -11.62 -15.95
C SER A 394 -12.73 -12.22 -15.53
N PHE A 395 -12.67 -13.54 -15.34
CA PHE A 395 -11.41 -14.15 -14.94
C PHE A 395 -10.98 -15.36 -15.77
N ARG A 396 -10.23 -15.12 -16.84
CA ARG A 396 -9.78 -16.21 -17.69
C ARG A 396 -8.86 -17.15 -16.91
N VAL A 397 -9.05 -18.44 -17.06
CA VAL A 397 -8.23 -19.46 -16.39
C VAL A 397 -8.04 -20.64 -17.37
N GLY A 398 -7.32 -20.36 -18.45
CA GLY A 398 -7.10 -21.36 -19.49
C GLY A 398 -8.31 -21.21 -20.40
N PRO A 399 -8.97 -22.33 -20.73
CA PRO A 399 -10.16 -22.29 -21.60
C PRO A 399 -11.39 -21.69 -20.88
N GLN A 400 -11.48 -21.89 -19.56
CA GLN A 400 -12.59 -21.36 -18.76
C GLN A 400 -12.59 -19.82 -18.73
N ASP A 401 -13.65 -19.22 -18.18
CA ASP A 401 -13.76 -17.77 -18.07
C ASP A 401 -14.88 -17.32 -17.11
N TYR A 402 -14.67 -17.63 -15.83
CA TYR A 402 -15.60 -17.32 -14.75
C TYR A 402 -15.98 -15.84 -14.66
N SER A 403 -17.22 -15.57 -14.29
CA SER A 403 -17.67 -14.20 -14.14
C SER A 403 -17.34 -13.93 -12.69
N TYR A 404 -17.72 -12.77 -12.20
CA TYR A 404 -17.47 -12.43 -10.81
C TYR A 404 -18.31 -13.36 -9.94
N GLU A 405 -19.57 -13.55 -10.36
CA GLU A 405 -20.53 -14.40 -9.67
C GLU A 405 -19.99 -15.81 -9.42
N GLN A 406 -19.19 -16.33 -10.35
CA GLN A 406 -18.60 -17.66 -10.19
C GLN A 406 -17.27 -17.61 -9.45
N PHE A 407 -16.63 -16.45 -9.49
CA PHE A 407 -15.32 -16.27 -8.87
C PHE A 407 -15.35 -15.88 -7.40
N LEU A 408 -16.12 -14.85 -7.10
CA LEU A 408 -16.24 -14.42 -5.73
C LEU A 408 -16.77 -15.58 -4.87
N PHE A 409 -16.27 -15.65 -3.65
CA PHE A 409 -16.68 -16.66 -2.69
C PHE A 409 -16.52 -18.10 -3.15
N ASN A 410 -16.04 -18.32 -4.36
CA ASN A 410 -15.86 -19.69 -4.82
C ASN A 410 -14.90 -20.39 -3.86
N THR A 411 -15.36 -21.44 -3.21
CA THR A 411 -14.53 -22.15 -2.25
C THR A 411 -13.98 -23.49 -2.70
N SER A 412 -13.70 -23.64 -3.99
CA SER A 412 -13.17 -24.91 -4.46
C SER A 412 -12.31 -24.75 -5.71
N MET A 413 -12.29 -23.52 -6.24
CA MET A 413 -11.51 -23.21 -7.43
C MET A 413 -10.04 -23.48 -7.18
N LEU A 414 -9.55 -23.01 -6.03
CA LEU A 414 -8.15 -23.21 -5.67
C LEU A 414 -7.70 -24.65 -5.72
N VAL A 415 -8.29 -25.46 -4.85
CA VAL A 415 -7.94 -26.89 -4.75
C VAL A 415 -8.22 -27.68 -6.01
N ASP A 416 -9.18 -27.23 -6.80
CA ASP A 416 -9.51 -27.93 -8.04
C ASP A 416 -8.36 -27.81 -9.04
N TYR A 417 -8.08 -26.56 -9.41
CA TYR A 417 -7.04 -26.22 -10.38
C TYR A 417 -5.59 -26.52 -10.03
N GLY A 418 -5.19 -26.21 -8.80
CA GLY A 418 -3.80 -26.42 -8.40
C GLY A 418 -3.08 -25.09 -8.50
N VAL A 419 -2.44 -24.68 -7.40
CA VAL A 419 -1.72 -23.41 -7.37
C VAL A 419 -1.01 -23.19 -8.69
N GLU A 420 -0.09 -24.10 -9.05
CA GLU A 420 0.65 -24.01 -10.32
C GLU A 420 -0.23 -23.42 -11.40
N ALA A 421 -1.23 -24.21 -11.80
CA ALA A 421 -2.17 -23.84 -12.84
C ALA A 421 -2.88 -22.52 -12.60
N LEU A 422 -3.12 -22.18 -11.34
CA LEU A 422 -3.80 -20.92 -11.07
C LEU A 422 -2.83 -19.76 -11.25
N VAL A 423 -1.64 -19.88 -10.66
CA VAL A 423 -0.62 -18.85 -10.76
C VAL A 423 -0.43 -18.52 -12.24
N ASP A 424 -0.32 -19.55 -13.07
CA ASP A 424 -0.15 -19.33 -14.48
C ASP A 424 -1.26 -18.42 -14.99
N ALA A 425 -2.49 -18.81 -14.74
CA ALA A 425 -3.65 -18.04 -15.19
C ALA A 425 -3.74 -16.55 -14.79
N PHE A 426 -3.12 -16.15 -13.67
CA PHE A 426 -3.16 -14.74 -13.25
C PHE A 426 -1.97 -13.99 -13.82
N SER A 427 -0.85 -14.69 -13.96
CA SER A 427 0.36 -14.09 -14.50
C SER A 427 0.25 -13.89 -15.98
N ARG A 428 -0.91 -14.21 -16.57
CA ARG A 428 -1.10 -14.04 -18.00
C ARG A 428 -2.26 -13.13 -18.32
N GLN A 429 -3.09 -12.80 -17.34
CA GLN A 429 -4.22 -11.95 -17.65
C GLN A 429 -3.99 -10.49 -17.25
N PRO A 430 -4.02 -9.58 -18.24
CA PRO A 430 -3.80 -8.15 -17.96
C PRO A 430 -4.64 -7.66 -16.81
N ALA A 431 -4.16 -6.60 -16.16
CA ALA A 431 -4.86 -5.98 -15.05
C ALA A 431 -5.17 -4.60 -15.55
N GLY A 432 -6.31 -4.06 -15.15
CA GLY A 432 -6.68 -2.73 -15.63
C GLY A 432 -5.79 -1.59 -15.17
N ARG A 433 -5.96 -0.43 -15.81
CA ARG A 433 -5.18 0.75 -15.44
C ARG A 433 -5.85 1.41 -14.25
N ILE A 434 -5.05 1.79 -13.27
CA ILE A 434 -5.57 2.41 -12.07
C ILE A 434 -6.03 3.84 -12.25
N GLY A 435 -5.30 4.62 -13.05
CA GLY A 435 -5.67 6.01 -13.25
C GLY A 435 -6.38 6.31 -14.55
N GLY A 436 -6.52 7.59 -14.84
CA GLY A 436 -7.17 8.01 -16.07
C GLY A 436 -8.66 8.26 -15.94
N GLY A 437 -9.26 7.63 -14.94
CA GLY A 437 -10.69 7.77 -14.70
C GLY A 437 -11.51 6.68 -15.38
N ARG A 438 -12.71 6.45 -14.86
CA ARG A 438 -13.64 5.47 -15.41
C ARG A 438 -13.05 4.12 -15.75
N ASN A 439 -12.54 3.39 -14.75
CA ASN A 439 -12.00 2.09 -15.05
C ASN A 439 -12.25 1.12 -13.91
N ILE A 440 -13.07 1.52 -12.94
CA ILE A 440 -13.43 0.67 -11.81
C ILE A 440 -14.62 -0.16 -12.30
N ASP A 441 -14.47 -1.49 -12.33
CA ASP A 441 -15.58 -2.33 -12.77
C ASP A 441 -16.88 -1.94 -12.06
N HIS A 442 -18.02 -2.30 -12.66
CA HIS A 442 -19.33 -1.96 -12.09
C HIS A 442 -19.71 -2.75 -10.86
N HIS A 443 -19.14 -3.93 -10.67
CA HIS A 443 -19.48 -4.70 -9.51
C HIS A 443 -18.97 -4.04 -8.23
N ILE A 444 -17.64 -4.00 -8.08
CA ILE A 444 -17.00 -3.42 -6.90
C ILE A 444 -17.11 -1.90 -6.80
N LEU A 445 -17.73 -1.27 -7.78
CA LEU A 445 -17.86 0.19 -7.78
C LEU A 445 -18.42 0.75 -6.47
N HIS A 446 -18.89 -0.12 -5.58
CA HIS A 446 -19.43 0.38 -4.30
C HIS A 446 -18.29 0.69 -3.35
N VAL A 447 -17.27 -0.15 -3.35
CA VAL A 447 -16.11 0.05 -2.50
C VAL A 447 -15.71 1.51 -2.71
N ALA A 448 -15.59 1.87 -3.98
CA ALA A 448 -15.21 3.21 -4.41
C ALA A 448 -16.07 4.35 -3.87
N VAL A 449 -17.39 4.15 -3.82
CA VAL A 449 -18.27 5.20 -3.30
C VAL A 449 -18.09 5.26 -1.79
N ASP A 450 -17.71 4.14 -1.20
CA ASP A 450 -17.49 4.07 0.24
C ASP A 450 -16.25 4.88 0.63
N VAL A 451 -15.16 4.69 -0.12
CA VAL A 451 -13.93 5.42 0.15
C VAL A 451 -14.18 6.92 0.03
N ILE A 452 -15.07 7.31 -0.87
CA ILE A 452 -15.37 8.73 -1.04
C ILE A 452 -16.29 9.20 0.09
N LYS A 453 -17.18 8.30 0.52
CA LYS A 453 -18.12 8.58 1.59
C LYS A 453 -17.41 8.69 2.94
N GLU A 454 -16.53 7.74 3.21
CA GLU A 454 -15.75 7.69 4.44
C GLU A 454 -14.70 8.80 4.46
N SER A 455 -14.18 9.12 3.28
CA SER A 455 -13.19 10.16 3.14
C SER A 455 -13.69 11.45 3.81
N ARG A 456 -14.99 11.67 3.75
CA ARG A 456 -15.61 12.87 4.30
C ARG A 456 -15.93 12.72 5.75
N VAL A 457 -16.13 11.47 6.16
CA VAL A 457 -16.41 11.13 7.55
C VAL A 457 -15.18 11.55 8.34
N LEU A 458 -14.02 11.20 7.76
CA LEU A 458 -12.70 11.52 8.32
C LEU A 458 -12.35 13.00 8.21
N ARG A 459 -12.95 13.69 7.23
CA ARG A 459 -12.72 15.11 7.02
C ARG A 459 -11.30 15.41 6.51
N LEU A 460 -10.91 14.69 5.45
CA LEU A 460 -9.60 14.88 4.83
C LEU A 460 -9.66 16.18 4.06
N GLN A 461 -8.59 16.98 4.18
CA GLN A 461 -8.50 18.26 3.48
C GLN A 461 -8.59 18.06 1.97
N PRO A 462 -8.78 19.15 1.22
CA PRO A 462 -8.88 19.07 -0.24
C PRO A 462 -7.62 18.55 -0.94
N PHE A 463 -7.81 18.02 -2.14
CA PHE A 463 -6.72 17.47 -2.95
C PHE A 463 -5.53 18.42 -2.97
N ASN A 464 -5.78 19.65 -3.39
CA ASN A 464 -4.73 20.65 -3.47
C ASN A 464 -3.90 20.84 -2.20
N GLU A 465 -4.48 20.62 -1.04
CA GLU A 465 -3.73 20.75 0.20
C GLU A 465 -2.76 19.59 0.33
N TYR A 466 -3.16 18.42 -0.14
CA TYR A 466 -2.28 17.26 -0.09
C TYR A 466 -1.19 17.37 -1.16
N ARG A 467 -1.46 18.11 -2.22
CA ARG A 467 -0.46 18.32 -3.27
C ARG A 467 0.64 19.10 -2.58
N LYS A 468 0.30 20.24 -2.01
CA LYS A 468 1.27 21.06 -1.30
C LYS A 468 2.01 20.20 -0.32
N ARG A 469 1.38 19.85 0.79
CA ARG A 469 2.01 19.05 1.83
C ARG A 469 2.98 17.99 1.33
N PHE A 470 2.88 17.58 0.08
CA PHE A 470 3.80 16.59 -0.46
C PHE A 470 4.74 17.18 -1.53
N GLY A 471 5.15 18.43 -1.33
CA GLY A 471 6.04 19.10 -2.25
C GLY A 471 5.57 19.25 -3.69
N MET A 472 4.35 19.72 -3.89
CA MET A 472 3.86 19.91 -5.25
C MET A 472 3.07 21.19 -5.36
N LYS A 473 2.82 21.58 -6.60
CA LYS A 473 2.06 22.79 -6.83
C LYS A 473 0.60 22.41 -6.97
N PRO A 474 -0.28 23.19 -6.33
CA PRO A 474 -1.71 22.86 -6.45
C PRO A 474 -2.17 23.08 -7.89
N TYR A 475 -3.12 22.30 -8.36
CA TYR A 475 -3.61 22.50 -9.72
C TYR A 475 -4.39 23.80 -9.68
N THR A 476 -4.38 24.55 -10.78
CA THR A 476 -5.09 25.83 -10.82
C THR A 476 -6.43 25.76 -11.53
N SER A 477 -6.81 24.58 -11.98
CA SER A 477 -8.07 24.40 -12.67
C SER A 477 -8.32 22.93 -12.87
N PHE A 478 -9.59 22.58 -13.07
CA PHE A 478 -9.93 21.18 -13.31
C PHE A 478 -9.28 20.83 -14.65
N GLN A 479 -9.12 21.86 -15.48
CA GLN A 479 -8.51 21.70 -16.79
C GLN A 479 -7.10 21.12 -16.63
N GLU A 480 -6.26 21.83 -15.90
CA GLU A 480 -4.89 21.39 -15.68
C GLU A 480 -4.82 20.06 -14.96
N LEU A 481 -5.83 19.76 -14.14
CA LEU A 481 -5.82 18.49 -13.43
C LEU A 481 -5.98 17.34 -14.40
N THR A 482 -7.15 17.27 -15.02
CA THR A 482 -7.48 16.20 -15.96
C THR A 482 -6.89 16.35 -17.37
N GLY A 483 -6.27 15.26 -17.83
CA GLY A 483 -5.68 15.24 -19.15
C GLY A 483 -6.70 15.36 -20.28
N GLU A 484 -7.53 16.40 -20.19
CA GLU A 484 -8.57 16.64 -21.19
C GLU A 484 -9.40 17.88 -20.81
N LYS A 485 -10.61 18.00 -21.37
CA LYS A 485 -11.49 19.14 -21.10
C LYS A 485 -12.96 18.78 -20.83
N GLU A 486 -13.39 17.61 -21.32
CA GLU A 486 -14.75 17.13 -21.11
C GLU A 486 -15.06 16.89 -19.62
N MET A 487 -14.41 15.89 -19.02
CA MET A 487 -14.60 15.59 -17.59
C MET A 487 -14.39 16.85 -16.74
N ALA A 488 -13.32 17.58 -17.07
CA ALA A 488 -12.97 18.80 -16.37
C ALA A 488 -14.15 19.75 -16.22
N ALA A 489 -14.99 19.81 -17.26
CA ALA A 489 -16.17 20.67 -17.28
C ALA A 489 -17.20 20.26 -16.23
N GLU A 490 -17.59 19.00 -16.26
CA GLU A 490 -18.57 18.46 -15.32
C GLU A 490 -18.07 18.64 -13.88
N LEU A 491 -16.79 18.38 -13.66
CA LEU A 491 -16.17 18.51 -12.35
C LEU A 491 -16.33 19.90 -11.78
N GLU A 492 -15.85 20.91 -12.51
CA GLU A 492 -15.96 22.29 -12.04
C GLU A 492 -17.40 22.56 -11.61
N GLU A 493 -18.34 22.10 -12.45
CA GLU A 493 -19.77 22.25 -12.22
C GLU A 493 -20.26 21.59 -10.93
N LEU A 494 -19.55 20.56 -10.48
CA LEU A 494 -19.91 19.90 -9.24
C LEU A 494 -19.25 20.56 -8.04
N TYR A 495 -17.91 20.46 -7.98
CA TYR A 495 -17.14 21.02 -6.87
C TYR A 495 -17.08 22.54 -6.86
N GLY A 496 -17.31 23.16 -8.01
CA GLY A 496 -17.30 24.62 -8.06
C GLY A 496 -15.97 25.33 -8.10
N ASP A 497 -14.95 24.68 -7.54
CA ASP A 497 -13.59 25.21 -7.53
C ASP A 497 -12.59 24.07 -7.41
N ILE A 498 -11.42 24.26 -8.01
CA ILE A 498 -10.39 23.24 -7.99
C ILE A 498 -10.00 22.94 -6.53
N ASP A 499 -9.85 24.01 -5.75
CA ASP A 499 -9.48 23.90 -4.34
C ASP A 499 -10.44 23.15 -3.46
N ALA A 500 -11.57 22.71 -4.02
CA ALA A 500 -12.57 21.97 -3.26
C ALA A 500 -12.54 20.48 -3.58
N LEU A 501 -11.90 20.11 -4.68
CA LEU A 501 -11.82 18.71 -5.08
C LEU A 501 -11.38 17.82 -3.89
N GLU A 502 -11.82 16.57 -3.90
CA GLU A 502 -11.55 15.63 -2.82
C GLU A 502 -10.31 14.80 -3.04
N PHE A 503 -9.83 14.20 -1.96
CA PHE A 503 -8.63 13.39 -2.03
C PHE A 503 -8.75 12.18 -2.95
N TYR A 504 -9.69 11.28 -2.69
CA TYR A 504 -9.82 10.10 -3.54
C TYR A 504 -10.19 10.43 -4.99
N PRO A 505 -11.30 11.13 -5.21
CA PRO A 505 -11.68 11.45 -6.59
C PRO A 505 -10.57 12.14 -7.41
N GLY A 506 -9.78 13.00 -6.75
CA GLY A 506 -8.72 13.69 -7.46
C GLY A 506 -7.72 12.68 -7.98
N LEU A 507 -7.08 12.00 -7.04
CA LEU A 507 -6.10 10.99 -7.37
C LEU A 507 -6.49 10.12 -8.54
N LEU A 508 -7.74 9.68 -8.58
CA LEU A 508 -8.18 8.79 -9.65
C LEU A 508 -8.58 9.46 -10.94
N LEU A 509 -8.70 10.77 -10.93
CA LEU A 509 -9.08 11.49 -12.14
C LEU A 509 -7.93 12.32 -12.70
N GLU A 510 -6.76 12.19 -12.11
CA GLU A 510 -5.62 12.96 -12.56
C GLU A 510 -5.01 12.38 -13.84
N LYS A 511 -4.60 13.27 -14.72
CA LYS A 511 -3.97 12.87 -15.98
C LYS A 511 -2.74 12.01 -15.70
N CYS A 512 -2.55 10.97 -16.50
CA CYS A 512 -1.40 10.08 -16.33
C CYS A 512 -0.32 10.27 -17.38
N HIS A 513 0.93 10.05 -16.99
CA HIS A 513 2.01 10.15 -17.96
C HIS A 513 1.73 8.95 -18.89
N PRO A 514 1.91 9.13 -20.21
CA PRO A 514 1.63 7.99 -21.10
C PRO A 514 2.42 6.74 -20.71
N ASN A 515 1.70 5.62 -20.64
CA ASN A 515 2.29 4.35 -20.25
C ASN A 515 2.60 4.29 -18.76
N SER A 516 1.78 4.99 -17.97
CA SER A 516 1.94 5.01 -16.51
C SER A 516 0.70 4.33 -15.98
N ILE A 517 0.87 3.50 -14.95
CA ILE A 517 -0.27 2.80 -14.39
C ILE A 517 -1.18 3.80 -13.69
N PHE A 518 -0.60 4.90 -13.24
CA PHE A 518 -1.36 5.97 -12.60
C PHE A 518 -0.66 7.31 -12.64
N GLY A 519 -1.40 8.34 -12.25
CA GLY A 519 -0.90 9.71 -12.28
C GLY A 519 0.22 10.17 -11.36
N GLU A 520 0.67 11.40 -11.62
CA GLU A 520 1.74 12.04 -10.85
C GLU A 520 1.53 11.98 -9.34
N SER A 521 0.39 12.44 -8.89
CA SER A 521 0.12 12.45 -7.46
C SER A 521 0.19 11.11 -6.78
N MET A 522 -0.33 10.07 -7.43
CA MET A 522 -0.31 8.73 -6.86
C MET A 522 1.14 8.31 -6.56
N ILE A 523 2.02 8.59 -7.51
CA ILE A 523 3.43 8.26 -7.39
C ILE A 523 4.11 9.04 -6.27
N GLU A 524 4.00 10.37 -6.33
CA GLU A 524 4.63 11.24 -5.34
C GLU A 524 4.11 11.14 -3.91
N MET A 525 2.79 10.97 -3.75
CA MET A 525 2.17 10.87 -2.44
C MET A 525 2.36 9.53 -1.75
N GLY A 526 2.19 8.46 -2.51
CA GLY A 526 2.31 7.12 -1.96
C GLY A 526 3.66 6.46 -1.77
N ALA A 527 4.65 6.86 -2.56
CA ALA A 527 6.00 6.30 -2.45
C ALA A 527 6.58 6.57 -1.05
N PRO A 528 6.43 7.81 -0.56
CA PRO A 528 6.94 8.18 0.76
C PRO A 528 6.29 7.32 1.86
N PHE A 529 5.05 6.89 1.64
CA PHE A 529 4.35 6.05 2.60
C PHE A 529 4.86 4.64 2.45
N SER A 530 4.92 4.16 1.22
CA SER A 530 5.42 2.81 0.98
C SER A 530 6.85 2.56 1.48
N LEU A 531 7.78 3.46 1.17
CA LEU A 531 9.15 3.23 1.58
C LEU A 531 9.36 3.40 3.07
N LYS A 532 8.72 4.40 3.66
CA LYS A 532 8.83 4.64 5.09
C LYS A 532 8.40 3.35 5.78
N GLY A 533 7.46 2.66 5.14
CA GLY A 533 6.95 1.39 5.65
C GLY A 533 7.95 0.30 5.43
N LEU A 534 8.15 -0.12 4.18
CA LEU A 534 9.10 -1.18 3.89
C LEU A 534 10.40 -1.10 4.70
N LEU A 535 11.09 0.03 4.62
CA LEU A 535 12.35 0.19 5.36
C LEU A 535 12.20 0.56 6.83
N GLY A 536 11.00 0.95 7.22
CA GLY A 536 10.78 1.31 8.61
C GLY A 536 10.61 0.09 9.51
N ASN A 537 10.75 -1.08 8.92
CA ASN A 537 10.62 -2.35 9.64
C ASN A 537 11.81 -2.58 10.53
N PRO A 538 11.59 -3.00 11.78
CA PRO A 538 12.70 -3.25 12.69
C PRO A 538 13.79 -4.17 12.16
N ILE A 539 13.43 -5.13 11.32
CA ILE A 539 14.45 -6.03 10.81
C ILE A 539 15.42 -5.28 9.91
N CYS A 540 15.04 -4.09 9.49
CA CYS A 540 15.86 -3.26 8.62
C CYS A 540 16.92 -2.48 9.38
N SER A 541 16.71 -2.33 10.67
CA SER A 541 17.63 -1.58 11.51
C SER A 541 18.95 -2.29 11.67
N PRO A 542 20.00 -1.56 12.03
CA PRO A 542 21.35 -2.10 12.23
C PRO A 542 21.31 -3.19 13.28
N GLU A 543 20.52 -2.93 14.32
CA GLU A 543 20.36 -3.84 15.44
C GLU A 543 19.92 -5.24 15.02
N TYR A 544 18.93 -5.34 14.14
CA TYR A 544 18.40 -6.62 13.71
C TYR A 544 19.03 -7.29 12.49
N TRP A 545 19.44 -6.50 11.52
CA TRP A 545 20.02 -6.97 10.26
C TRP A 545 21.33 -7.78 10.30
N LYS A 546 21.42 -8.73 11.22
CA LYS A 546 22.61 -9.58 11.34
C LYS A 546 22.23 -10.97 10.88
N ALA A 547 23.21 -11.81 10.57
CA ALA A 547 22.90 -13.16 10.12
C ALA A 547 22.38 -14.03 11.25
N SER A 548 22.64 -13.63 12.49
CA SER A 548 22.16 -14.42 13.62
C SER A 548 20.65 -14.30 13.77
N THR A 549 20.09 -13.15 13.40
CA THR A 549 18.65 -12.92 13.51
C THR A 549 17.83 -13.90 12.67
N PHE A 550 18.42 -14.43 11.62
CA PHE A 550 17.73 -15.37 10.77
C PHE A 550 18.46 -16.69 10.95
N GLY A 551 18.93 -16.89 12.16
CA GLY A 551 19.66 -18.09 12.51
C GLY A 551 20.49 -18.70 11.40
N GLY A 552 21.78 -18.37 11.40
CA GLY A 552 22.69 -18.89 10.39
C GLY A 552 22.82 -18.03 9.17
N GLU A 553 23.66 -18.46 8.24
CA GLU A 553 23.90 -17.73 7.01
C GLU A 553 22.79 -18.06 6.02
N VAL A 554 22.18 -19.22 6.22
CA VAL A 554 21.10 -19.72 5.37
C VAL A 554 19.87 -18.86 5.44
N GLY A 555 19.58 -18.36 6.62
CA GLY A 555 18.41 -17.52 6.76
C GLY A 555 18.65 -16.24 5.98
N PHE A 556 19.81 -15.63 6.23
CA PHE A 556 20.16 -14.37 5.57
C PHE A 556 20.11 -14.46 4.06
N ASN A 557 20.81 -15.42 3.49
CA ASN A 557 20.79 -15.53 2.04
C ASN A 557 19.38 -15.67 1.48
N LEU A 558 18.51 -16.34 2.22
CA LEU A 558 17.14 -16.49 1.76
C LEU A 558 16.49 -15.11 1.64
N VAL A 559 16.70 -14.27 2.64
CA VAL A 559 16.15 -12.93 2.58
C VAL A 559 16.84 -12.12 1.47
N LYS A 560 18.14 -12.36 1.27
CA LYS A 560 18.91 -11.65 0.24
C LYS A 560 18.68 -12.07 -1.20
N THR A 561 18.18 -13.27 -1.43
CA THR A 561 17.97 -13.69 -2.81
C THR A 561 16.53 -14.05 -3.16
N ALA A 562 15.61 -13.71 -2.28
CA ALA A 562 14.21 -14.01 -2.48
C ALA A 562 13.70 -13.45 -3.81
N THR A 563 12.83 -14.21 -4.47
CA THR A 563 12.26 -13.80 -5.76
C THR A 563 10.81 -14.22 -5.81
N LEU A 564 10.07 -13.75 -6.80
CA LEU A 564 8.68 -14.17 -6.92
C LEU A 564 8.75 -15.59 -7.47
N LYS A 565 9.56 -15.77 -8.52
CA LYS A 565 9.76 -17.05 -9.18
C LYS A 565 10.16 -18.15 -8.21
N LYS A 566 10.91 -17.78 -7.18
CA LYS A 566 11.35 -18.74 -6.20
C LYS A 566 10.30 -19.01 -5.14
N LEU A 567 9.48 -18.01 -4.84
CA LEU A 567 8.45 -18.19 -3.84
C LEU A 567 7.45 -19.21 -4.32
N VAL A 568 7.20 -19.23 -5.63
CA VAL A 568 6.26 -20.16 -6.21
C VAL A 568 6.90 -21.50 -6.57
N CYS A 569 7.74 -21.52 -7.59
CA CYS A 569 8.39 -22.73 -8.06
C CYS A 569 9.18 -23.54 -7.03
N LEU A 570 9.36 -23.00 -5.85
CA LEU A 570 10.09 -23.72 -4.82
C LEU A 570 9.06 -24.51 -4.01
N ASN A 571 7.87 -23.94 -3.90
CA ASN A 571 6.79 -24.57 -3.16
C ASN A 571 5.75 -25.24 -4.07
N THR A 572 6.15 -25.67 -5.26
CA THR A 572 5.21 -26.36 -6.16
C THR A 572 5.85 -27.62 -6.74
N LYS A 573 5.08 -28.33 -7.56
CA LYS A 573 5.56 -29.53 -8.21
C LYS A 573 6.12 -29.06 -9.54
N THR A 574 5.28 -28.39 -10.31
CA THR A 574 5.71 -27.87 -11.61
C THR A 574 5.90 -26.36 -11.57
N CYS A 575 6.85 -25.89 -12.34
CA CYS A 575 7.16 -24.47 -12.38
C CYS A 575 6.35 -23.77 -13.47
N PRO A 576 5.24 -23.13 -13.08
CA PRO A 576 4.33 -22.40 -13.97
C PRO A 576 4.97 -21.11 -14.44
N TYR A 577 4.17 -20.19 -14.94
CA TYR A 577 4.70 -18.91 -15.36
C TYR A 577 4.24 -17.84 -14.35
N VAL A 578 5.19 -17.38 -13.55
CA VAL A 578 4.92 -16.37 -12.55
C VAL A 578 5.69 -15.07 -12.80
N SER A 579 5.01 -13.94 -12.66
CA SER A 579 5.61 -12.62 -12.85
C SER A 579 4.60 -11.51 -12.57
N PHE A 580 5.09 -10.29 -12.37
CA PHE A 580 4.19 -9.17 -12.10
C PHE A 580 3.74 -8.46 -13.37
N HIS A 581 4.04 -9.05 -14.52
CA HIS A 581 3.63 -8.45 -15.78
C HIS A 581 3.37 -9.56 -16.78
N VAL A 582 2.36 -9.36 -17.61
CA VAL A 582 1.99 -10.35 -18.61
C VAL A 582 3.16 -10.73 -19.48
N PRO A 583 3.24 -12.01 -19.87
CA PRO A 583 4.32 -12.51 -20.73
C PRO A 583 4.22 -11.88 -22.12
N ASP A 584 5.35 -11.79 -22.83
CA ASP A 584 5.34 -11.23 -24.18
C ASP A 584 4.94 -9.74 -24.17
C1 NAG B . -1.13 34.57 5.90
C2 NAG B . -1.04 35.98 5.27
C3 NAG B . -2.32 36.76 5.49
C4 NAG B . -3.45 35.94 4.86
C5 NAG B . -3.53 34.62 5.61
C6 NAG B . -4.70 33.70 5.21
C7 NAG B . 0.85 37.43 4.97
C8 NAG B . 1.03 38.91 5.29
N2 NAG B . 0.09 36.72 5.79
O3 NAG B . -2.19 38.02 4.87
O4 NAG B . -4.75 36.61 4.85
O5 NAG B . -2.29 33.88 5.41
O6 NAG B . -5.57 34.31 4.27
O7 NAG B . 1.36 36.94 3.94
C1 NDG B . -5.02 37.74 5.61
C2 NDG B . -6.54 37.91 5.76
C3 NDG B . -7.22 38.02 4.39
C4 NDG B . -6.49 38.99 3.42
C5 NDG B . -4.96 38.95 3.52
C6 NDG B . -4.30 40.17 2.88
C7 NDG B . -6.64 36.42 7.67
C8 NDG B . -6.56 34.90 7.91
O5 NDG B . -4.52 38.89 4.91
O3 NDG B . -8.55 38.47 4.61
O4 NDG B . -6.85 38.69 2.08
O6 NDG B . -3.90 41.14 3.85
O7 NDG B . -6.26 37.21 8.55
N2 NDG B . -7.14 36.81 6.50
C1 NAG C . -7.62 4.03 21.93
C2 NAG C . -7.86 2.94 22.99
C3 NAG C . -9.35 2.45 23.02
C4 NAG C . -10.33 3.64 23.02
C5 NAG C . -9.97 4.55 21.83
C6 NAG C . -10.87 5.77 21.61
C7 NAG C . -6.29 1.26 23.70
C8 NAG C . -6.22 -0.25 23.71
N2 NAG C . -6.99 1.82 22.72
O3 NAG C . -9.56 1.66 24.18
O4 NAG C . -11.71 3.17 22.93
O5 NAG C . -8.61 5.06 22.03
O6 NAG C . -10.72 6.73 22.64
O7 NAG C . -5.70 1.92 24.57
C1 NAG C . -12.69 3.92 23.61
C2 NAG C . -14.09 3.33 23.41
C3 NAG C . -15.09 4.34 24.03
C4 NAG C . -14.82 4.31 25.57
C5 NAG C . -13.34 4.71 25.80
C6 NAG C . -12.92 4.60 27.26
C7 NAG C . -13.93 3.56 20.98
C8 NAG C . -12.99 2.73 20.11
N2 NAG C . -14.45 2.95 22.05
O3 NAG C . -16.43 3.96 23.71
O4 NAG C . -15.70 5.16 26.37
O5 NAG C . -12.41 3.90 25.03
O6 NAG C . -12.11 3.45 27.47
O7 NAG C . -14.21 4.73 20.67
C1 BMA C . -17.04 5.46 26.02
C2 BMA C . -17.99 4.21 26.15
C3 BMA C . -18.60 3.98 27.55
C4 BMA C . -18.52 5.21 28.42
C5 BMA C . -18.67 6.46 27.56
C6 BMA C . -18.89 7.75 28.38
O2 BMA C . -17.31 3.03 25.75
O3 BMA C . -17.95 2.90 28.20
O4 BMA C . -19.55 5.16 29.41
O5 BMA C . -17.47 6.64 26.75
O6 BMA C . -18.47 7.57 29.75
C1 BMA C . -19.35 8.09 30.72
C2 BMA C . -19.33 7.20 31.99
C3 BMA C . -19.33 8.05 33.28
C4 BMA C . -18.13 9.00 33.30
C5 BMA C . -17.91 9.68 31.94
C6 BMA C . -16.64 9.25 31.22
O2 BMA C . -18.17 6.36 31.97
O3 BMA C . -19.28 7.19 34.42
O4 BMA C . -18.33 9.99 34.31
O5 BMA C . -19.05 9.46 31.05
O6 BMA C . -15.63 8.86 32.14
C1 NAG D . -16.51 -22.55 -8.44
C2 NAG D . -17.82 -22.43 -9.26
C3 NAG D . -18.09 -23.70 -10.07
C4 NAG D . -16.85 -24.06 -10.90
C5 NAG D . -15.61 -24.13 -10.00
C6 NAG D . -14.33 -24.40 -10.78
C7 NAG D . -19.51 -20.94 -8.42
C8 NAG D . -19.35 -20.10 -7.16
N2 NAG D . -18.96 -22.15 -8.41
O3 NAG D . -19.20 -23.45 -10.93
O4 NAG D . -17.04 -25.34 -11.56
O5 NAG D . -15.42 -22.88 -9.32
O6 NAG D . -13.30 -24.87 -9.91
O7 NAG D . -20.12 -20.48 -9.40
C1 NAG D . -16.57 -25.41 -12.85
C2 NAG D . -16.44 -26.88 -13.25
C3 NAG D . -16.03 -27.00 -14.73
C4 NAG D . -17.14 -26.33 -15.55
C5 NAG D . -17.19 -24.86 -15.12
C6 NAG D . -18.21 -24.00 -15.87
C7 NAG D . -15.96 -28.53 -11.59
C8 NAG D . -15.80 -29.95 -12.13
N2 NAG D . -15.50 -27.56 -12.38
O3 NAG D . -15.90 -28.38 -15.09
O4 NAG D . -16.87 -26.46 -16.94
O5 NAG D . -17.52 -24.76 -13.71
O6 NAG D . -18.52 -22.82 -15.14
O7 NAG D . -16.51 -28.32 -10.50
C1 BOG E . 10.16 16.62 -19.96
O1 BOG E . 11.09 16.89 -20.96
C2 BOG E . 9.63 17.96 -19.33
O2 BOG E . 10.66 18.55 -18.55
C3 BOG E . 8.37 17.70 -18.46
O3 BOG E . 7.80 18.94 -18.01
C4 BOG E . 7.35 16.91 -19.27
O4 BOG E . 6.16 16.71 -18.50
C5 BOG E . 8.00 15.57 -19.65
O5 BOG E . 9.10 15.84 -20.57
C6 BOG E . 7.08 14.53 -20.29
O6 BOG E . 6.70 14.86 -21.62
C1 BOG F . 11.75 13.13 -5.90
O1 BOG F . 11.87 11.90 -6.56
C2 BOG F . 10.53 13.87 -6.35
O2 BOG F . 10.46 13.85 -7.76
C3 BOG F . 10.62 15.31 -5.79
O3 BOG F . 9.50 16.08 -6.27
C4 BOG F . 10.66 15.25 -4.23
O4 BOG F . 11.04 16.55 -3.71
C5 BOG F . 11.65 14.15 -3.71
O5 BOG F . 11.61 12.91 -4.49
C6 BOG F . 11.35 13.71 -2.27
O6 BOG F . 9.95 13.53 -2.08
CAC FLC G . -14.12 -1.93 5.97
CA FLC G . -13.83 -3.09 5.02
CB FLC G . -13.08 -4.26 5.65
CBC FLC G . -12.48 -5.30 4.67
CG FLC G . -13.85 -4.76 6.89
CGC FLC G . -13.00 -5.55 7.87
OA1 FLC G . -14.67 -0.91 5.50
OA2 FLC G . -13.80 -2.03 7.18
OB1 FLC G . -12.23 -4.94 3.49
OB2 FLC G . -12.22 -6.46 5.04
OG1 FLC G . -13.30 -6.73 8.10
OG2 FLC G . -12.02 -4.99 8.42
OHB FLC G . -11.90 -3.71 6.19
CHA HEM H . -11.64 -2.69 0.87
CHB HEM H . -13.73 -5.59 -2.33
CHC HEM H . -9.60 -5.77 -4.72
CHD HEM H . -7.47 -2.91 -1.59
C1A HEM H . -12.63 -3.46 0.23
C2A HEM H . -14.09 -3.69 0.69
C3A HEM H . -14.67 -4.55 -0.29
C4A HEM H . -13.55 -4.81 -1.27
CMA HEM H . -16.09 -5.12 -0.34
CAA HEM H . -14.91 -3.19 1.96
CBA HEM H . -15.70 -1.87 1.85
CGA HEM H . -14.88 -0.62 1.60
O1A HEM H . -13.97 -0.31 2.44
O2A HEM H . -15.17 0.12 0.60
C1B HEM H . -12.80 -5.91 -3.26
C2B HEM H . -13.06 -6.80 -4.41
C3B HEM H . -11.87 -6.84 -5.09
C4B HEM H . -10.92 -5.98 -4.35
CMB HEM H . -14.35 -7.49 -4.73
CAB HEM H . -11.60 -7.60 -6.32
CBB HEM H . -11.69 -8.96 -6.47
C1C HEM H . -8.64 -4.99 -4.07
C2C HEM H . -7.27 -4.85 -4.53
C3C HEM H . -6.65 -4.01 -3.60
C4C HEM H . -7.67 -3.70 -2.67
CMC HEM H . -6.66 -5.47 -5.82
CAC HEM H . -5.30 -3.51 -3.47
CBC HEM H . -4.54 -2.74 -4.39
C1D HEM H . -8.44 -2.59 -0.63
C2D HEM H . -8.18 -1.71 0.58
C3D HEM H . -9.36 -1.68 1.24
C4D HEM H . -10.31 -2.47 0.49
CMD HEM H . -6.82 -1.09 0.86
CAD HEM H . -9.67 -0.96 2.54
CBD HEM H . -9.42 -1.91 3.73
CGD HEM H . -9.84 -1.29 5.06
O1D HEM H . -9.01 -0.64 5.74
O2D HEM H . -11.00 -1.46 5.44
NA HEM H . -12.38 -4.16 -0.98
NB HEM H . -11.49 -5.39 -3.22
NC HEM H . -8.85 -4.26 -2.93
ND HEM H . -9.70 -3.04 -0.68
FE HEM H . -10.63 -4.20 -1.95
C2 IM8 I . 7.25 4.89 -8.76
C3 IM8 I . 6.07 4.73 -9.57
C4 IM8 I . 4.87 4.13 -8.99
C5 IM8 I . 4.83 3.70 -7.67
C6 IM8 I . 5.01 4.99 -11.79
C7 IM8 I . 8.21 4.52 -6.52
C8 IM8 I . 7.67 3.95 -5.39
C9 IM8 I . 5.57 2.94 -4.69
C IM8 I . 6.01 3.86 -6.90
C1 IM8 I . 7.15 4.43 -7.44
C10 IM8 I . 4.14 3.32 -4.41
C11 IM8 I . 3.64 4.63 -4.64
C12 IM8 I . 2.27 4.93 -4.36
C13 IM8 I . 1.38 3.91 -3.87
C14 IM8 I . 1.87 2.60 -3.64
C15 IM8 I . 3.24 2.31 -3.92
C16 IM8 I . 8.43 3.73 -4.12
C17 IM8 I . 9.64 5.07 -6.73
C18 IM8 I . 10.02 6.40 -6.31
N IM8 I . 6.36 3.56 -5.60
O IM8 I . 6.10 5.19 -10.91
O1 IM8 I . 6.01 1.99 -4.06
O2 IM8 I . 10.33 6.64 -5.13
O3 IM8 I . 8.41 9.74 -6.38
CL IM8 I . -0.27 4.27 -3.54
N2 IM8 I . 10.03 7.31 -7.31
C19 IM8 I . 10.53 8.72 -7.22
C20 IM8 I . 9.79 9.50 -6.13
C21 IM8 I . 12.06 8.77 -7.01
C22 IM8 I . 12.90 7.94 -8.02
#